data_6HKY
#
_entry.id   6HKY
#
_cell.length_a   95.811
_cell.length_b   95.811
_cell.length_c   125.953
_cell.angle_alpha   90.00
_cell.angle_beta   90.00
_cell.angle_gamma   120.00
#
_symmetry.space_group_name_H-M   'P 32'
#
loop_
_entity.id
_entity.type
_entity.pdbx_description
1 polymer 'Kinesin-like protein KIF11'
2 non-polymer "ADENOSINE-5'-DIPHOSPHATE"
3 non-polymer 'MAGNESIUM ION'
4 non-polymer (2~{S})-2-(3-azanylpropyl)-5-[2,5-bis(fluoranyl)phenyl]-~{N}-methoxy-~{N}-methyl-2-phenyl-1,3,4-thiadiazole-3-carboxamide
5 water water
#
_entity_poly.entity_id   1
_entity_poly.type   'polypeptide(L)'
_entity_poly.pdbx_seq_one_letter_code
;MASQPNSSAKKKEEKGKNIQVVVRCRPFNLAERKASAHSIVECDPVRKEVSVRTGGLADKSSRKTYTFDMVFGASTKQID
VYRSVVCPILDEVIMGYNCTIFAYGQTGTGKTFTMEGERSPNEEYTWEEDPLAGIIPRTLHQIFEKLTDNGTEFSVKVSL
LEIYNEELFDLLNPSSDVSERLQMFDDPRNKRGVIIKGLEEITVHNKDEVYQILEKGAAKRTTAATLMNAYSSRSHSVFS
VTIHMKETTIDGEELVKIGKLNLVDLAGSENIGRSGAVDKRAREAGNINQSLLTLGRVITALVERTPHVPYRESKLTRIL
QDSLGGRTRTSIIATISPASLNLEETLSTLEYAHRAKNILNKPEVNQK
;
_entity_poly.pdbx_strand_id   A,B,C
#
loop_
_chem_comp.id
_chem_comp.type
_chem_comp.name
_chem_comp.formula
ADP non-polymer ADENOSINE-5'-DIPHOSPHATE 'C10 H15 N5 O10 P2'
GCE non-polymer (2~{S})-2-(3-azanylpropyl)-5-[2,5-bis(fluoranyl)phenyl]-~{N}-methoxy-~{N}-methyl-2-phenyl-1,3,4-thiadiazole-3-carboxamide 'C20 H22 F2 N4 O2 S'
MG non-polymer 'MAGNESIUM ION' 'Mg 2'
#
# COMPACT_ATOMS: atom_id res chain seq x y z
N GLY A 16 -25.89 20.40 23.31
CA GLY A 16 -25.40 20.10 24.66
C GLY A 16 -25.84 18.71 25.11
N LYS A 17 -25.15 17.68 24.67
CA LYS A 17 -25.55 16.34 25.06
C LYS A 17 -24.35 15.57 25.61
N ASN A 18 -24.49 15.04 26.84
CA ASN A 18 -23.50 14.19 27.48
C ASN A 18 -23.45 12.83 26.81
N ILE A 19 -22.30 12.17 26.96
CA ILE A 19 -22.12 10.81 26.48
C ILE A 19 -22.84 9.85 27.42
N GLN A 20 -23.66 8.96 26.85
CA GLN A 20 -24.38 7.97 27.62
C GLN A 20 -23.58 6.69 27.73
N VAL A 21 -23.55 6.11 28.93
CA VAL A 21 -22.73 4.95 29.25
C VAL A 21 -23.56 3.89 29.97
N VAL A 22 -23.51 2.65 29.48
CA VAL A 22 -24.17 1.52 30.12
C VAL A 22 -23.10 0.49 30.47
N VAL A 23 -23.46 -0.40 31.39
CA VAL A 23 -22.61 -1.48 31.89
C VAL A 23 -23.35 -2.79 31.68
N ARG A 24 -22.64 -3.82 31.23
CA ARG A 24 -23.25 -5.14 31.09
C ARG A 24 -22.37 -6.16 31.79
N CYS A 25 -22.96 -6.90 32.72
CA CYS A 25 -22.24 -7.93 33.43
C CYS A 25 -22.59 -9.29 32.82
N ARG A 26 -21.56 -10.11 32.52
CA ARG A 26 -21.88 -11.38 31.89
C ARG A 26 -22.10 -12.44 32.95
N PRO A 27 -22.71 -13.57 32.60
CA PRO A 27 -22.77 -14.67 33.56
C PRO A 27 -21.39 -15.27 33.77
N PHE A 28 -21.27 -16.07 34.84
CA PHE A 28 -20.05 -16.85 35.04
C PHE A 28 -19.77 -17.74 33.84
N ASN A 29 -18.51 -17.85 33.45
CA ASN A 29 -18.17 -18.80 32.39
C ASN A 29 -17.77 -20.14 32.99
N LEU A 30 -17.36 -21.09 32.13
CA LEU A 30 -17.14 -22.46 32.58
C LEU A 30 -15.83 -22.62 33.33
N ALA A 31 -14.75 -21.97 32.87
CA ALA A 31 -13.53 -21.94 33.66
C ALA A 31 -13.82 -21.49 35.07
N GLU A 32 -14.66 -20.44 35.22
CA GLU A 32 -14.90 -19.84 36.53
C GLU A 32 -15.72 -20.77 37.41
N ARG A 33 -16.71 -21.46 36.83
CA ARG A 33 -17.48 -22.40 37.63
C ARG A 33 -16.61 -23.51 38.20
N LYS A 34 -15.75 -24.12 37.37
CA LYS A 34 -14.91 -25.20 37.89
C LYS A 34 -14.00 -24.69 39.00
N ALA A 35 -13.48 -23.45 38.88
CA ALA A 35 -12.61 -22.90 39.91
C ALA A 35 -13.39 -22.35 41.14
N SER A 36 -14.71 -22.59 41.21
CA SER A 36 -15.57 -22.15 42.32
C SER A 36 -15.50 -20.65 42.57
N ALA A 37 -15.51 -19.86 41.50
CA ALA A 37 -15.44 -18.42 41.66
C ALA A 37 -16.61 -17.87 42.48
N HIS A 38 -16.31 -16.88 43.34
CA HIS A 38 -17.31 -16.07 44.02
C HIS A 38 -17.55 -14.80 43.23
N SER A 39 -18.79 -14.31 43.30
CA SER A 39 -19.16 -13.05 42.67
C SER A 39 -18.75 -11.90 43.58
N ILE A 40 -18.39 -10.77 42.97
CA ILE A 40 -18.11 -9.54 43.73
C ILE A 40 -18.84 -8.38 43.07
N VAL A 41 -19.78 -8.69 42.20
CA VAL A 41 -20.49 -7.66 41.49
C VAL A 41 -21.97 -7.82 41.80
N GLU A 42 -22.65 -6.71 42.06
CA GLU A 42 -24.09 -6.69 42.13
C GLU A 42 -24.58 -5.63 41.17
N CYS A 43 -25.34 -6.04 40.16
CA CYS A 43 -25.83 -5.15 39.13
C CYS A 43 -27.33 -4.99 39.38
N ASP A 44 -27.77 -3.78 39.69
CA ASP A 44 -29.16 -3.44 40.03
C ASP A 44 -29.77 -2.62 38.91
N PRO A 45 -30.45 -3.23 37.93
CA PRO A 45 -30.94 -2.48 36.78
C PRO A 45 -31.97 -1.40 37.11
N VAL A 46 -32.83 -1.62 38.10
CA VAL A 46 -33.83 -0.62 38.46
C VAL A 46 -33.17 0.69 38.89
N ARG A 47 -32.26 0.64 39.87
CA ARG A 47 -31.58 1.87 40.26
C ARG A 47 -30.36 2.22 39.38
N LYS A 48 -30.06 1.40 38.38
CA LYS A 48 -28.94 1.67 37.49
C LYS A 48 -27.59 1.78 38.23
N GLU A 49 -27.37 0.88 39.18
CA GLU A 49 -26.17 0.89 40.01
C GLU A 49 -25.44 -0.43 39.80
N VAL A 50 -24.11 -0.35 39.82
CA VAL A 50 -23.22 -1.52 39.86
C VAL A 50 -22.42 -1.36 41.14
N SER A 51 -22.39 -2.40 41.98
CA SER A 51 -21.71 -2.34 43.26
C SER A 51 -20.63 -3.41 43.37
N VAL A 52 -19.41 -3.04 43.73
CA VAL A 52 -18.30 -3.99 43.71
C VAL A 52 -17.80 -4.24 45.11
N ARG A 53 -17.69 -5.51 45.46
CA ARG A 53 -17.17 -5.95 46.75
C ARG A 53 -15.65 -5.96 46.67
N THR A 54 -15.01 -5.01 47.35
CA THR A 54 -13.59 -4.78 47.12
C THR A 54 -12.66 -5.31 48.21
N GLY A 55 -13.18 -5.72 49.37
CA GLY A 55 -12.32 -6.11 50.47
C GLY A 55 -11.92 -7.57 50.62
N GLY A 56 -12.28 -8.44 49.67
CA GLY A 56 -11.77 -9.80 49.74
C GLY A 56 -12.09 -10.44 51.07
N LEU A 57 -11.11 -11.17 51.63
CA LEU A 57 -11.25 -11.78 52.95
C LEU A 57 -11.00 -10.84 54.12
N ALA A 58 -10.41 -9.66 53.89
CA ALA A 58 -9.96 -8.85 55.02
C ALA A 58 -11.06 -7.95 55.55
N ASP A 59 -11.85 -7.37 54.67
CA ASP A 59 -12.86 -6.36 55.01
C ASP A 59 -14.14 -6.79 54.29
N LYS A 60 -15.01 -7.51 54.98
CA LYS A 60 -16.19 -8.04 54.29
C LYS A 60 -17.21 -6.96 53.89
N SER A 61 -17.06 -5.73 54.36
CA SER A 61 -18.13 -4.75 54.18
C SER A 61 -17.89 -3.69 53.11
N SER A 62 -16.65 -3.47 52.69
CA SER A 62 -16.35 -2.36 51.78
C SER A 62 -16.83 -2.64 50.37
N ARG A 63 -17.28 -1.57 49.72
CA ARG A 63 -17.82 -1.62 48.39
C ARG A 63 -17.32 -0.39 47.66
N LYS A 64 -17.40 -0.46 46.35
CA LYS A 64 -17.34 0.71 45.50
C LYS A 64 -18.58 0.67 44.62
N THR A 65 -19.32 1.78 44.60
CA THR A 65 -20.59 1.87 43.88
C THR A 65 -20.61 3.00 42.86
N TYR A 66 -21.14 2.71 41.67
CA TYR A 66 -21.25 3.66 40.59
C TYR A 66 -22.65 3.64 40.00
N THR A 67 -23.12 4.80 39.56
CA THR A 67 -24.43 4.99 38.94
C THR A 67 -24.21 5.29 37.47
N PHE A 68 -25.01 4.66 36.62
CA PHE A 68 -24.84 4.69 35.19
C PHE A 68 -26.17 5.01 34.52
N ASP A 69 -26.13 5.20 33.20
CA ASP A 69 -27.36 5.49 32.49
C ASP A 69 -28.24 4.27 32.41
N MET A 70 -27.65 3.08 32.25
CA MET A 70 -28.36 1.81 32.42
C MET A 70 -27.39 0.73 32.86
N VAL A 71 -27.94 -0.33 33.47
CA VAL A 71 -27.14 -1.46 33.93
C VAL A 71 -27.86 -2.74 33.53
N PHE A 72 -27.13 -3.66 32.90
CA PHE A 72 -27.66 -4.96 32.49
C PHE A 72 -26.97 -6.06 33.27
N GLY A 73 -27.75 -6.83 34.01
CA GLY A 73 -27.21 -7.94 34.75
C GLY A 73 -26.96 -9.16 33.86
N ALA A 74 -26.54 -10.25 34.51
CA ALA A 74 -26.13 -11.44 33.75
C ALA A 74 -27.25 -11.98 32.89
N SER A 75 -28.50 -11.87 33.36
CA SER A 75 -29.62 -12.51 32.69
C SER A 75 -30.15 -11.74 31.48
N THR A 76 -29.51 -10.65 31.09
CA THR A 76 -30.00 -9.83 29.97
C THR A 76 -29.85 -10.54 28.61
N LYS A 77 -30.93 -10.59 27.82
CA LYS A 77 -30.91 -11.20 26.49
C LYS A 77 -30.45 -10.19 25.45
N GLN A 78 -29.81 -10.69 24.36
CA GLN A 78 -29.27 -9.82 23.32
C GLN A 78 -30.34 -8.85 22.84
N ILE A 79 -31.57 -9.36 22.67
CA ILE A 79 -32.69 -8.55 22.18
C ILE A 79 -32.96 -7.38 23.10
N ASP A 80 -32.68 -7.53 24.41
CA ASP A 80 -32.86 -6.41 25.33
C ASP A 80 -31.81 -5.32 25.10
N VAL A 81 -30.56 -5.70 24.81
CA VAL A 81 -29.58 -4.68 24.49
C VAL A 81 -30.01 -3.94 23.23
N TYR A 82 -30.49 -4.67 22.23
CA TYR A 82 -30.87 -4.01 20.99
C TYR A 82 -32.01 -3.04 21.19
N ARG A 83 -33.10 -3.51 21.80
CA ARG A 83 -34.30 -2.67 21.92
C ARG A 83 -34.01 -1.43 22.72
N SER A 84 -33.29 -1.58 23.82
CA SER A 84 -33.07 -0.51 24.77
C SER A 84 -32.04 0.52 24.32
N VAL A 85 -30.99 0.09 23.62
CA VAL A 85 -29.86 0.95 23.29
C VAL A 85 -29.79 1.24 21.80
N VAL A 86 -30.06 0.27 20.95
CA VAL A 86 -29.74 0.46 19.54
C VAL A 86 -30.86 1.18 18.82
N CYS A 87 -32.11 0.84 19.11
CA CYS A 87 -33.24 1.49 18.45
C CYS A 87 -33.24 3.00 18.61
N PRO A 88 -33.12 3.58 19.83
CA PRO A 88 -33.07 5.04 19.90
C PRO A 88 -31.98 5.64 19.05
N ILE A 89 -30.81 5.00 18.97
CA ILE A 89 -29.69 5.57 18.22
C ILE A 89 -29.93 5.42 16.72
N LEU A 90 -30.46 4.27 16.32
CA LEU A 90 -30.85 4.03 14.94
C LEU A 90 -31.84 5.06 14.45
N ASP A 91 -32.81 5.44 15.30
CA ASP A 91 -33.80 6.43 14.90
C ASP A 91 -33.14 7.78 14.64
N GLU A 92 -32.17 8.16 15.49
CA GLU A 92 -31.44 9.41 15.28
C GLU A 92 -30.49 9.34 14.11
N VAL A 93 -30.05 8.14 13.72
CA VAL A 93 -29.31 8.02 12.46
C VAL A 93 -30.26 8.18 11.29
N ILE A 94 -31.45 7.56 11.37
CA ILE A 94 -32.39 7.72 10.27
C ILE A 94 -32.82 9.17 10.11
N MET A 95 -32.82 9.94 11.20
CA MET A 95 -33.04 11.38 11.12
C MET A 95 -31.84 12.16 10.56
N GLY A 96 -30.74 11.52 10.18
CA GLY A 96 -29.62 12.20 9.53
C GLY A 96 -28.45 12.65 10.41
N TYR A 97 -28.26 12.04 11.57
CA TYR A 97 -27.17 12.40 12.46
C TYR A 97 -26.04 11.37 12.38
N ASN A 98 -24.95 11.67 13.08
CA ASN A 98 -23.78 10.81 13.20
C ASN A 98 -23.74 10.21 14.60
N CYS A 99 -23.62 8.87 14.70
CA CYS A 99 -23.68 8.16 15.99
C CYS A 99 -22.63 7.05 16.11
N THR A 100 -22.10 6.87 17.33
CA THR A 100 -21.09 5.86 17.61
C THR A 100 -21.44 5.04 18.85
N ILE A 101 -21.22 3.73 18.79
CA ILE A 101 -21.33 2.82 19.93
C ILE A 101 -20.03 2.02 20.03
N PHE A 102 -19.34 2.07 21.16
CA PHE A 102 -18.24 1.14 21.26
C PHE A 102 -18.28 0.33 22.54
N ALA A 103 -17.76 -0.90 22.44
CA ALA A 103 -17.61 -1.81 23.57
C ALA A 103 -16.22 -1.63 24.16
N TYR A 104 -16.16 -1.43 25.48
CA TYR A 104 -14.92 -1.21 26.23
C TYR A 104 -14.92 -2.16 27.43
N GLY A 105 -13.81 -2.86 27.67
CA GLY A 105 -13.67 -3.73 28.81
C GLY A 105 -12.58 -4.77 28.63
N GLN A 106 -12.40 -5.61 29.65
CA GLN A 106 -11.27 -6.53 29.56
C GLN A 106 -11.59 -7.73 28.66
N THR A 107 -10.52 -8.42 28.23
CA THR A 107 -10.65 -9.55 27.33
C THR A 107 -11.50 -10.65 27.96
N GLY A 108 -12.50 -11.11 27.22
CA GLY A 108 -13.34 -12.17 27.71
C GLY A 108 -14.60 -11.73 28.42
N THR A 109 -14.90 -10.43 28.50
CA THR A 109 -16.05 -9.96 29.26
C THR A 109 -17.27 -9.68 28.39
N GLY A 110 -17.16 -9.83 27.08
CA GLY A 110 -18.32 -9.79 26.23
C GLY A 110 -18.37 -8.64 25.27
N LYS A 111 -17.24 -7.98 24.99
CA LYS A 111 -17.23 -6.92 23.98
C LYS A 111 -17.73 -7.46 22.65
N THR A 112 -17.14 -8.55 22.15
CA THR A 112 -17.55 -9.05 20.83
C THR A 112 -18.90 -9.76 20.88
N PHE A 113 -19.20 -10.50 21.95
CA PHE A 113 -20.54 -11.08 22.09
C PHE A 113 -21.62 -10.01 22.04
N THR A 114 -21.36 -8.83 22.60
CA THR A 114 -22.34 -7.75 22.55
C THR A 114 -22.40 -7.12 21.16
N MET A 115 -21.26 -6.78 20.56
CA MET A 115 -21.29 -6.08 19.27
C MET A 115 -21.68 -6.98 18.12
N GLU A 116 -21.32 -8.25 18.17
CA GLU A 116 -21.60 -9.17 17.07
C GLU A 116 -22.51 -10.32 17.47
N GLY A 117 -22.23 -10.96 18.59
CA GLY A 117 -23.02 -12.09 19.01
C GLY A 117 -22.47 -13.39 18.47
N GLU A 118 -23.28 -14.44 18.58
CA GLU A 118 -22.85 -15.74 18.11
C GLU A 118 -24.00 -16.39 17.38
N ARG A 119 -23.70 -17.49 16.70
CA ARG A 119 -24.71 -18.31 16.04
C ARG A 119 -24.99 -19.47 16.98
N SER A 120 -26.27 -19.79 17.18
CA SER A 120 -26.63 -20.96 17.99
C SER A 120 -26.19 -22.25 17.30
N PRO A 121 -25.71 -23.24 18.04
CA PRO A 121 -25.17 -24.44 17.41
C PRO A 121 -26.28 -25.27 16.77
N ASN A 122 -25.87 -26.32 16.05
CA ASN A 122 -26.79 -27.31 15.46
C ASN A 122 -27.68 -26.70 14.39
N GLU A 123 -27.41 -25.47 13.94
CA GLU A 123 -28.19 -24.80 12.89
C GLU A 123 -29.69 -24.75 13.22
N GLU A 124 -30.01 -24.36 14.46
CA GLU A 124 -31.41 -24.34 14.87
C GLU A 124 -32.19 -23.13 14.36
N TYR A 125 -31.52 -22.05 13.95
CA TYR A 125 -32.22 -20.81 13.62
C TYR A 125 -31.71 -20.19 12.33
N THR A 126 -32.57 -19.39 11.69
CA THR A 126 -32.06 -18.54 10.63
C THR A 126 -31.12 -17.50 11.27
N TRP A 127 -30.28 -16.87 10.44
CA TRP A 127 -29.49 -15.79 11.03
C TRP A 127 -30.37 -14.61 11.46
N GLU A 128 -31.51 -14.38 10.80
CA GLU A 128 -32.40 -13.29 11.22
C GLU A 128 -33.06 -13.53 12.57
N GLU A 129 -33.27 -14.80 12.97
CA GLU A 129 -34.03 -15.06 14.19
C GLU A 129 -33.17 -15.58 15.32
N ASP A 130 -31.89 -15.79 15.10
CA ASP A 130 -31.07 -16.37 16.15
C ASP A 130 -31.04 -15.48 17.40
N PRO A 131 -31.49 -15.99 18.56
CA PRO A 131 -31.45 -15.13 19.77
C PRO A 131 -30.06 -14.76 20.24
N LEU A 132 -29.00 -15.36 19.70
CA LEU A 132 -27.64 -15.02 20.09
C LEU A 132 -27.00 -13.92 19.24
N ALA A 133 -27.65 -13.44 18.19
CA ALA A 133 -27.04 -12.36 17.41
C ALA A 133 -27.01 -11.06 18.20
N GLY A 134 -25.93 -10.29 18.02
CA GLY A 134 -25.73 -9.00 18.64
C GLY A 134 -26.05 -7.79 17.75
N ILE A 135 -25.42 -6.66 18.08
CA ILE A 135 -25.86 -5.37 17.58
C ILE A 135 -25.70 -5.25 16.06
N ILE A 136 -24.56 -5.68 15.51
CA ILE A 136 -24.27 -5.46 14.07
C ILE A 136 -25.27 -6.20 13.19
N PRO A 137 -25.43 -7.52 13.30
CA PRO A 137 -26.44 -8.18 12.45
C PRO A 137 -27.87 -7.69 12.68
N ARG A 138 -28.25 -7.29 13.90
CA ARG A 138 -29.62 -6.79 14.05
C ARG A 138 -29.76 -5.43 13.44
N THR A 139 -28.73 -4.61 13.51
CA THR A 139 -28.83 -3.27 12.95
C THR A 139 -29.00 -3.33 11.46
N LEU A 140 -28.28 -4.23 10.79
CA LEU A 140 -28.37 -4.25 9.34
C LEU A 140 -29.70 -4.79 8.88
N HIS A 141 -30.15 -5.88 9.48
CA HIS A 141 -31.47 -6.40 9.17
C HIS A 141 -32.55 -5.36 9.40
N GLN A 142 -32.47 -4.63 10.50
CA GLN A 142 -33.56 -3.73 10.83
C GLN A 142 -33.52 -2.43 10.04
N ILE A 143 -32.38 -2.03 9.51
CA ILE A 143 -32.38 -0.83 8.69
C ILE A 143 -33.23 -1.06 7.46
N PHE A 144 -33.13 -2.25 6.87
CA PHE A 144 -33.92 -2.55 5.69
C PHE A 144 -35.40 -2.74 6.06
N GLU A 145 -35.67 -3.36 7.20
CA GLU A 145 -37.05 -3.51 7.66
C GLU A 145 -37.70 -2.13 7.84
N LYS A 146 -37.01 -1.20 8.50
CA LYS A 146 -37.62 0.09 8.80
C LYS A 146 -37.85 0.91 7.54
N LEU A 147 -36.88 1.00 6.65
CA LEU A 147 -37.02 1.92 5.53
C LEU A 147 -37.74 1.35 4.31
N THR A 148 -37.57 0.08 3.99
CA THR A 148 -38.36 -0.53 2.93
C THR A 148 -39.82 -0.58 3.38
N ASP A 149 -40.75 -0.32 2.46
CA ASP A 149 -42.17 -0.22 2.81
C ASP A 149 -42.37 0.83 3.91
N ASN A 150 -41.56 1.89 3.83
CA ASN A 150 -41.69 3.06 4.68
C ASN A 150 -41.74 4.35 3.86
N GLY A 151 -41.47 4.29 2.57
CA GLY A 151 -41.69 5.43 1.70
C GLY A 151 -40.57 6.45 1.77
N THR A 152 -39.45 6.08 1.13
CA THR A 152 -38.26 6.92 0.99
C THR A 152 -37.24 6.17 0.16
N GLU A 153 -36.43 6.90 -0.61
CA GLU A 153 -35.38 6.30 -1.42
C GLU A 153 -34.11 6.24 -0.60
N PHE A 154 -33.45 5.08 -0.57
CA PHE A 154 -32.25 5.00 0.26
C PHE A 154 -31.25 3.99 -0.29
N SER A 155 -29.98 4.32 -0.08
CA SER A 155 -28.87 3.40 -0.32
C SER A 155 -28.10 3.18 0.99
N VAL A 156 -27.64 1.95 1.20
CA VAL A 156 -26.85 1.58 2.37
C VAL A 156 -25.50 1.05 1.92
N LYS A 157 -24.44 1.62 2.45
CA LYS A 157 -23.10 1.08 2.23
C LYS A 157 -22.45 0.86 3.59
N VAL A 158 -21.53 -0.11 3.65
CA VAL A 158 -20.83 -0.50 4.87
C VAL A 158 -19.35 -0.64 4.55
N SER A 159 -18.52 -0.44 5.58
CA SER A 159 -17.09 -0.72 5.53
C SER A 159 -16.62 -1.25 6.87
N LEU A 160 -15.43 -1.85 6.86
CA LEU A 160 -14.87 -2.51 8.04
C LEU A 160 -13.35 -2.39 8.00
N LEU A 161 -12.79 -1.52 8.81
CA LEU A 161 -11.35 -1.50 9.01
C LEU A 161 -11.01 -1.93 10.44
N GLU A 162 -9.76 -2.36 10.62
CA GLU A 162 -9.23 -2.83 11.89
C GLU A 162 -7.87 -2.18 12.15
N ILE A 163 -7.58 -1.91 13.41
CA ILE A 163 -6.32 -1.31 13.83
C ILE A 163 -5.52 -2.35 14.59
N TYR A 164 -4.28 -2.58 14.17
CA TYR A 164 -3.37 -3.47 14.88
C TYR A 164 -1.98 -2.87 14.82
N ASN A 165 -1.36 -2.70 15.98
CA ASN A 165 0.01 -2.21 16.05
C ASN A 165 0.16 -0.89 15.28
N GLU A 166 -0.85 -0.04 15.40
CA GLU A 166 -0.98 1.25 14.72
C GLU A 166 -0.89 1.17 13.20
N GLU A 167 -1.21 0.02 12.60
CA GLU A 167 -1.36 -0.13 11.16
C GLU A 167 -2.83 -0.39 10.84
N LEU A 168 -3.27 -0.06 9.62
CA LEU A 168 -4.67 -0.13 9.24
C LEU A 168 -4.93 -1.19 8.18
N PHE A 169 -5.93 -2.03 8.43
CA PHE A 169 -6.24 -3.16 7.56
C PHE A 169 -7.71 -3.11 7.13
N ASP A 170 -7.96 -3.52 5.88
CA ASP A 170 -9.29 -3.45 5.28
C ASP A 170 -9.86 -4.85 5.16
N LEU A 171 -10.82 -5.18 6.03
CA LEU A 171 -11.29 -6.56 6.08
C LEU A 171 -12.41 -6.88 5.10
N LEU A 172 -12.91 -5.89 4.34
CA LEU A 172 -13.85 -6.15 3.26
C LEU A 172 -13.26 -5.87 1.88
N ASN A 173 -11.95 -5.63 1.80
CA ASN A 173 -11.38 -5.24 0.52
C ASN A 173 -11.41 -6.39 -0.48
N PRO A 174 -11.54 -6.09 -1.77
CA PRO A 174 -11.45 -7.15 -2.80
C PRO A 174 -10.08 -7.81 -2.91
N SER A 175 -9.02 -7.14 -2.45
CA SER A 175 -7.70 -7.77 -2.45
C SER A 175 -7.72 -9.07 -1.63
N SER A 176 -7.00 -10.08 -2.12
CA SER A 176 -6.99 -11.36 -1.41
C SER A 176 -5.95 -11.42 -0.30
N ASP A 177 -5.07 -10.42 -0.20
CA ASP A 177 -4.08 -10.39 0.87
C ASP A 177 -4.54 -9.35 1.90
N VAL A 178 -4.93 -9.82 3.07
CA VAL A 178 -5.40 -8.97 4.16
C VAL A 178 -4.34 -8.02 4.70
N SER A 179 -3.06 -8.23 4.38
CA SER A 179 -1.97 -7.44 4.96
C SER A 179 -1.68 -6.13 4.23
N GLU A 180 -2.38 -5.82 3.12
CA GLU A 180 -2.15 -4.56 2.42
C GLU A 180 -2.64 -3.40 3.27
N ARG A 181 -1.75 -2.47 3.60
CA ARG A 181 -2.09 -1.51 4.62
C ARG A 181 -2.80 -0.30 4.05
N LEU A 182 -3.73 0.25 4.84
CA LEU A 182 -4.41 1.51 4.53
C LEU A 182 -3.58 2.68 5.03
N GLN A 183 -4.05 3.90 4.79
CA GLN A 183 -3.29 5.09 5.17
C GLN A 183 -4.28 6.20 5.49
N MET A 184 -3.88 7.15 6.34
CA MET A 184 -4.84 8.05 7.00
C MET A 184 -4.37 9.51 6.96
N PHE A 185 -5.30 10.40 6.59
CA PHE A 185 -5.03 11.82 6.32
C PHE A 185 -6.13 12.68 6.93
N ASP A 186 -5.79 13.90 7.35
CA ASP A 186 -6.81 14.82 7.84
C ASP A 186 -7.78 15.17 6.71
N ASP A 187 -9.10 15.17 7.02
CA ASP A 187 -10.12 15.50 6.04
C ASP A 187 -10.25 17.01 5.98
N PRO A 188 -9.92 17.64 4.84
CA PRO A 188 -10.05 19.10 4.74
C PRO A 188 -11.47 19.61 4.56
N ARG A 189 -12.46 18.72 4.58
CA ARG A 189 -13.87 19.08 4.46
C ARG A 189 -14.59 19.12 5.81
N ASN A 190 -13.95 18.62 6.87
CA ASN A 190 -14.59 18.42 8.17
C ASN A 190 -13.50 18.54 9.22
N LYS A 191 -13.62 19.52 10.11
CA LYS A 191 -12.48 19.93 10.93
C LYS A 191 -12.01 18.89 11.96
N ARG A 192 -12.82 17.89 12.32
CA ARG A 192 -12.37 16.82 13.22
C ARG A 192 -12.42 15.44 12.58
N GLY A 193 -12.32 15.33 11.25
CA GLY A 193 -12.43 14.06 10.58
C GLY A 193 -11.13 13.62 9.92
N VAL A 194 -11.14 12.36 9.43
CA VAL A 194 -10.03 11.76 8.70
C VAL A 194 -10.51 11.15 7.40
N ILE A 195 -9.58 10.98 6.46
CA ILE A 195 -9.79 10.24 5.23
C ILE A 195 -9.01 8.94 5.34
N ILE A 196 -9.66 7.83 5.03
CA ILE A 196 -8.98 6.53 5.05
C ILE A 196 -8.65 6.22 3.59
N LYS A 197 -7.43 6.54 3.17
CA LYS A 197 -7.06 6.34 1.78
C LYS A 197 -6.99 4.85 1.49
N GLY A 198 -7.84 4.38 0.57
CA GLY A 198 -7.85 3.00 0.16
C GLY A 198 -9.04 2.18 0.64
N LEU A 199 -9.91 2.73 1.49
CA LEU A 199 -10.92 1.95 2.20
C LEU A 199 -12.09 1.62 1.28
N GLU A 200 -12.39 0.34 1.14
CA GLU A 200 -13.49 -0.08 0.30
C GLU A 200 -14.82 0.14 1.01
N GLU A 201 -15.80 0.68 0.28
CA GLU A 201 -17.16 0.84 0.78
C GLU A 201 -18.09 -0.03 -0.07
N ILE A 202 -18.74 -1.03 0.55
CA ILE A 202 -19.52 -2.04 -0.17
C ILE A 202 -21.01 -1.73 -0.02
N THR A 203 -21.71 -1.71 -1.14
CA THR A 203 -23.13 -1.40 -1.14
C THR A 203 -23.95 -2.64 -0.77
N VAL A 204 -24.85 -2.48 0.21
CA VAL A 204 -25.77 -3.54 0.62
C VAL A 204 -27.12 -3.23 -0.02
N HIS A 205 -27.53 -4.03 -1.00
CA HIS A 205 -28.75 -3.72 -1.72
C HIS A 205 -30.03 -4.13 -1.01
N ASN A 206 -29.98 -5.09 -0.09
CA ASN A 206 -31.19 -5.61 0.56
C ASN A 206 -30.77 -6.53 1.70
N LYS A 207 -31.75 -6.92 2.50
CA LYS A 207 -31.44 -7.71 3.68
C LYS A 207 -30.75 -9.04 3.34
N ASP A 208 -31.08 -9.62 2.18
CA ASP A 208 -30.52 -10.94 1.91
C ASP A 208 -29.04 -10.88 1.54
N GLU A 209 -28.52 -9.70 1.24
CA GLU A 209 -27.09 -9.56 1.01
C GLU A 209 -26.29 -9.41 2.30
N VAL A 210 -26.97 -9.24 3.44
CA VAL A 210 -26.20 -8.84 4.61
C VAL A 210 -25.30 -9.98 5.05
N TYR A 211 -25.84 -11.21 5.09
CA TYR A 211 -25.07 -12.31 5.66
C TYR A 211 -23.84 -12.67 4.82
N GLN A 212 -23.90 -12.50 3.50
CA GLN A 212 -22.76 -12.92 2.69
C GLN A 212 -21.59 -11.96 2.81
N ILE A 213 -21.88 -10.70 3.11
CA ILE A 213 -20.83 -9.72 3.33
C ILE A 213 -20.12 -10.00 4.66
N LEU A 214 -20.91 -10.23 5.72
CA LEU A 214 -20.32 -10.64 6.99
C LEU A 214 -19.46 -11.87 6.82
N GLU A 215 -19.91 -12.83 6.00
CA GLU A 215 -19.15 -14.07 5.86
C GLU A 215 -17.75 -13.78 5.34
N LYS A 216 -17.63 -12.86 4.39
CA LYS A 216 -16.32 -12.63 3.81
C LYS A 216 -15.41 -11.90 4.77
N GLY A 217 -15.96 -10.93 5.52
CA GLY A 217 -15.16 -10.26 6.55
C GLY A 217 -14.73 -11.20 7.65
N ALA A 218 -15.59 -12.14 8.02
CA ALA A 218 -15.19 -13.12 9.02
C ALA A 218 -14.04 -13.96 8.51
N ALA A 219 -14.04 -14.29 7.21
CA ALA A 219 -12.96 -15.12 6.68
C ALA A 219 -11.63 -14.35 6.64
N LYS A 220 -11.67 -13.08 6.27
CA LYS A 220 -10.43 -12.29 6.30
C LYS A 220 -9.91 -12.16 7.73
N ARG A 221 -10.82 -12.02 8.69
CA ARG A 221 -10.41 -11.92 10.09
C ARG A 221 -9.70 -13.18 10.55
N THR A 222 -10.17 -14.35 10.12
CA THR A 222 -9.52 -15.60 10.51
C THR A 222 -8.07 -15.67 10.00
N THR A 223 -7.84 -15.23 8.75
CA THR A 223 -6.49 -15.25 8.20
C THR A 223 -5.58 -14.24 8.89
N ALA A 224 -6.10 -13.04 9.18
CA ALA A 224 -5.34 -12.06 9.94
C ALA A 224 -4.95 -12.60 11.30
N ALA A 225 -5.76 -13.46 11.88
CA ALA A 225 -5.37 -14.07 13.15
C ALA A 225 -4.15 -14.97 13.00
N THR A 226 -4.05 -15.73 11.90
CA THR A 226 -2.87 -16.57 11.69
C THR A 226 -1.59 -15.78 11.41
N LEU A 227 -1.67 -14.50 11.09
CA LEU A 227 -0.51 -13.72 10.69
C LEU A 227 0.05 -12.86 11.82
N MET A 228 -0.76 -12.45 12.78
CA MET A 228 -0.31 -11.50 13.78
C MET A 228 -0.67 -11.99 15.18
N ASN A 229 0.23 -11.73 16.11
CA ASN A 229 0.16 -12.33 17.43
C ASN A 229 -1.00 -11.70 18.24
N ALA A 230 -1.88 -12.56 18.77
CA ALA A 230 -2.96 -12.14 19.67
C ALA A 230 -3.91 -11.17 18.97
N TYR A 231 -4.21 -11.47 17.70
CA TYR A 231 -4.93 -10.52 16.86
C TYR A 231 -6.28 -10.13 17.45
N SER A 232 -7.07 -11.11 17.89
CA SER A 232 -8.44 -10.81 18.28
CA SER A 232 -8.45 -10.84 18.31
C SER A 232 -8.50 -9.87 19.47
N SER A 233 -7.53 -9.96 20.39
CA SER A 233 -7.58 -9.21 21.62
C SER A 233 -6.75 -7.93 21.60
N ARG A 234 -5.89 -7.72 20.61
CA ARG A 234 -5.07 -6.53 20.57
C ARG A 234 -5.40 -5.59 19.43
N SER A 235 -6.40 -5.93 18.61
CA SER A 235 -6.90 -5.08 17.53
C SER A 235 -8.20 -4.36 17.91
N HIS A 236 -8.38 -3.17 17.34
CA HIS A 236 -9.63 -2.43 17.41
C HIS A 236 -10.39 -2.56 16.09
N SER A 237 -11.71 -2.64 16.18
CA SER A 237 -12.61 -2.97 15.08
C SER A 237 -13.55 -1.80 14.81
N VAL A 238 -13.66 -1.33 13.57
CA VAL A 238 -14.53 -0.17 13.27
C VAL A 238 -15.45 -0.50 12.12
N PHE A 239 -16.69 -0.88 12.42
CA PHE A 239 -17.69 -1.21 11.40
C PHE A 239 -18.57 0.02 11.18
N SER A 240 -18.48 0.61 9.98
CA SER A 240 -19.22 1.82 9.61
C SER A 240 -20.32 1.51 8.61
N VAL A 241 -21.56 1.92 8.92
CA VAL A 241 -22.66 1.89 7.95
C VAL A 241 -23.11 3.33 7.67
N THR A 242 -23.20 3.69 6.38
CA THR A 242 -23.74 4.98 5.95
C THR A 242 -25.04 4.82 5.18
N ILE A 243 -26.04 5.66 5.51
CA ILE A 243 -27.37 5.66 4.92
C ILE A 243 -27.61 7.00 4.21
N HIS A 244 -27.99 6.95 2.93
CA HIS A 244 -28.46 8.12 2.18
C HIS A 244 -29.96 8.05 1.96
N MET A 245 -30.67 9.12 2.32
CA MET A 245 -32.12 9.15 2.19
C MET A 245 -32.59 10.37 1.43
N LYS A 246 -33.55 10.15 0.52
CA LYS A 246 -34.16 11.19 -0.29
C LYS A 246 -35.64 11.25 0.09
N GLU A 247 -36.06 12.37 0.68
CA GLU A 247 -37.48 12.53 1.07
C GLU A 247 -38.08 13.78 0.43
N GLU A 254 -37.57 17.74 -3.15
CA GLU A 254 -36.30 17.09 -2.76
C GLU A 254 -35.77 17.55 -1.39
N LEU A 255 -35.62 16.60 -0.46
CA LEU A 255 -34.91 16.81 0.80
C LEU A 255 -34.12 15.54 1.13
N VAL A 256 -32.79 15.67 1.23
CA VAL A 256 -31.89 14.50 1.35
C VAL A 256 -31.04 14.60 2.61
N LYS A 257 -31.30 13.69 3.56
CA LYS A 257 -30.51 13.57 4.78
C LYS A 257 -29.48 12.45 4.65
N ILE A 258 -28.39 12.56 5.41
CA ILE A 258 -27.33 11.56 5.40
C ILE A 258 -27.00 11.18 6.83
N GLY A 259 -27.12 9.88 7.14
CA GLY A 259 -26.75 9.33 8.44
C GLY A 259 -25.54 8.41 8.40
N LYS A 260 -24.79 8.38 9.50
CA LYS A 260 -23.63 7.50 9.60
C LYS A 260 -23.54 6.94 11.03
N LEU A 261 -23.31 5.62 11.14
CA LEU A 261 -23.24 4.92 12.42
C LEU A 261 -21.95 4.11 12.50
N ASN A 262 -21.13 4.37 13.53
CA ASN A 262 -19.88 3.65 13.75
C ASN A 262 -20.09 2.62 14.87
N LEU A 263 -19.77 1.36 14.59
CA LEU A 263 -19.92 0.30 15.58
C LEU A 263 -18.55 -0.31 15.90
N VAL A 264 -17.96 0.10 17.02
CA VAL A 264 -16.57 -0.15 17.35
C VAL A 264 -16.45 -1.19 18.48
N ASP A 265 -15.49 -2.11 18.34
CA ASP A 265 -15.22 -3.16 19.32
C ASP A 265 -13.74 -3.07 19.72
N LEU A 266 -13.45 -2.46 20.87
CA LEU A 266 -12.05 -2.14 21.18
C LEU A 266 -11.31 -3.39 21.62
N ALA A 267 -10.00 -3.24 21.74
CA ALA A 267 -9.11 -4.27 22.29
C ALA A 267 -9.26 -4.36 23.80
N GLY A 268 -8.78 -5.47 24.38
CA GLY A 268 -8.91 -5.63 25.81
C GLY A 268 -8.25 -4.53 26.64
N SER A 269 -8.98 -4.01 27.64
CA SER A 269 -8.52 -2.85 28.41
C SER A 269 -7.50 -3.20 29.47
N GLU A 270 -7.14 -4.47 29.63
CA GLU A 270 -6.17 -4.88 30.65
C GLU A 270 -4.74 -4.40 30.37
N ASN A 271 -4.46 -3.82 29.21
CA ASN A 271 -3.16 -3.16 29.00
C ASN A 271 -3.14 -1.80 29.73
N ASN A 287 4.49 1.27 20.93
CA ASN A 287 4.34 0.20 19.93
C ASN A 287 2.88 -0.30 19.73
N ILE A 288 2.44 -1.17 20.63
CA ILE A 288 1.31 -2.05 20.38
C ILE A 288 0.05 -1.57 21.08
N ASN A 289 0.16 -1.04 22.29
CA ASN A 289 -1.00 -0.58 23.04
C ASN A 289 -1.26 0.91 22.82
N GLN A 290 -0.80 1.47 21.71
CA GLN A 290 -0.72 2.92 21.60
C GLN A 290 -2.11 3.55 21.53
N SER A 291 -3.04 2.93 20.76
CA SER A 291 -4.38 3.50 20.68
C SER A 291 -5.12 3.37 21.99
N LEU A 292 -4.97 2.24 22.68
CA LEU A 292 -5.69 2.07 23.93
C LEU A 292 -5.19 3.05 24.96
N LEU A 293 -3.87 3.19 24.99
CA LEU A 293 -3.20 4.05 25.95
C LEU A 293 -3.62 5.50 25.77
N THR A 294 -3.50 6.01 24.54
CA THR A 294 -3.97 7.35 24.20
C THR A 294 -5.45 7.56 24.53
N LEU A 295 -6.29 6.53 24.33
CA LEU A 295 -7.73 6.72 24.52
C LEU A 295 -8.04 7.16 25.93
N GLY A 296 -7.34 6.59 26.92
CA GLY A 296 -7.55 7.01 28.29
C GLY A 296 -7.09 8.44 28.50
N ARG A 297 -5.87 8.73 28.05
CA ARG A 297 -5.32 10.07 28.10
C ARG A 297 -6.28 11.09 27.50
N VAL A 298 -6.88 10.76 26.36
CA VAL A 298 -7.82 11.68 25.73
C VAL A 298 -9.02 11.90 26.65
N ILE A 299 -9.51 10.83 27.28
CA ILE A 299 -10.69 10.97 28.14
C ILE A 299 -10.35 11.82 29.34
N THR A 300 -9.27 11.48 30.03
CA THR A 300 -8.88 12.25 31.20
C THR A 300 -8.75 13.72 30.86
N ALA A 301 -8.24 14.02 29.66
CA ALA A 301 -8.05 15.39 29.22
C ALA A 301 -9.36 16.14 29.00
N LEU A 302 -10.41 15.45 28.57
CA LEU A 302 -11.63 16.19 28.28
C LEU A 302 -12.39 16.49 29.56
N VAL A 303 -12.40 15.53 30.48
CA VAL A 303 -13.17 15.69 31.71
C VAL A 303 -12.44 16.53 32.74
N GLU A 304 -11.12 16.69 32.58
CA GLU A 304 -10.31 17.61 33.37
C GLU A 304 -10.10 18.94 32.69
N ARG A 305 -10.80 19.19 31.57
CA ARG A 305 -10.78 20.49 30.87
C ARG A 305 -9.36 20.96 30.48
N THR A 306 -8.41 20.03 30.30
CA THR A 306 -7.05 20.40 29.85
C THR A 306 -7.09 21.10 28.49
N PRO A 307 -6.15 22.04 28.23
CA PRO A 307 -6.19 22.80 26.96
C PRO A 307 -5.97 21.99 25.69
N HIS A 308 -4.86 21.25 25.62
CA HIS A 308 -4.56 20.44 24.45
C HIS A 308 -5.02 19.01 24.68
N VAL A 309 -5.78 18.48 23.73
CA VAL A 309 -6.30 17.12 23.86
C VAL A 309 -5.58 16.26 22.83
N PRO A 310 -4.86 15.26 23.25
CA PRO A 310 -3.96 14.49 22.37
C PRO A 310 -4.62 13.50 21.40
N TYR A 311 -5.63 13.96 20.65
CA TYR A 311 -6.24 13.13 19.63
C TYR A 311 -5.21 12.60 18.64
N ARG A 312 -4.18 13.40 18.32
CA ARG A 312 -3.27 13.02 17.23
C ARG A 312 -2.36 11.87 17.58
N GLU A 313 -2.29 11.44 18.82
CA GLU A 313 -1.21 10.55 19.21
C GLU A 313 -1.53 9.07 18.98
N SER A 314 -2.67 8.74 18.35
CA SER A 314 -2.97 7.35 18.03
C SER A 314 -3.93 7.27 16.84
N LYS A 315 -3.96 6.11 16.19
CA LYS A 315 -4.87 5.99 15.05
C LYS A 315 -6.31 5.99 15.50
N LEU A 316 -6.59 5.36 16.65
CA LEU A 316 -7.96 5.25 17.14
C LEU A 316 -8.55 6.60 17.53
N THR A 317 -7.79 7.40 18.29
CA THR A 317 -8.32 8.68 18.77
C THR A 317 -8.41 9.67 17.63
N ARG A 318 -7.69 9.44 16.52
CA ARG A 318 -7.94 10.27 15.35
C ARG A 318 -9.28 9.93 14.70
N ILE A 319 -9.57 8.63 14.50
CA ILE A 319 -10.81 8.21 13.86
C ILE A 319 -12.02 8.67 14.66
N LEU A 320 -11.96 8.52 15.99
CA LEU A 320 -13.05 8.76 16.91
C LEU A 320 -13.11 10.21 17.44
N GLN A 321 -12.45 11.17 16.79
CA GLN A 321 -12.32 12.46 17.46
C GLN A 321 -13.64 13.20 17.49
N ASP A 322 -14.41 13.16 16.41
CA ASP A 322 -15.74 13.72 16.47
C ASP A 322 -16.64 12.96 17.45
N SER A 323 -16.24 11.79 17.92
CA SER A 323 -17.07 11.03 18.86
C SER A 323 -16.68 11.26 20.31
N LEU A 324 -15.54 11.90 20.55
CA LEU A 324 -15.05 12.22 21.88
C LEU A 324 -14.97 13.74 21.97
N GLY A 325 -16.12 14.35 22.20
CA GLY A 325 -16.22 15.78 22.36
C GLY A 325 -16.45 16.54 21.10
N GLY A 326 -16.86 15.86 20.04
CA GLY A 326 -17.17 16.51 18.78
C GLY A 326 -18.67 16.58 18.55
N ARG A 327 -19.13 16.44 17.32
CA ARG A 327 -20.53 16.65 17.02
C ARG A 327 -21.25 15.36 16.69
N THR A 328 -20.94 14.30 17.42
CA THR A 328 -21.49 12.98 17.16
C THR A 328 -22.10 12.47 18.47
N ARG A 329 -23.26 11.84 18.39
CA ARG A 329 -23.85 11.24 19.58
C ARG A 329 -23.18 9.90 19.84
N THR A 330 -22.61 9.74 21.04
CA THR A 330 -21.78 8.59 21.38
C THR A 330 -22.31 7.86 22.60
N SER A 331 -22.19 6.52 22.60
CA SER A 331 -22.64 5.66 23.69
C SER A 331 -21.58 4.59 23.93
N ILE A 332 -21.21 4.36 25.19
CA ILE A 332 -20.22 3.35 25.55
C ILE A 332 -20.89 2.17 26.23
N ILE A 333 -20.60 0.95 25.76
CA ILE A 333 -21.06 -0.25 26.46
C ILE A 333 -19.85 -0.84 27.14
N ALA A 334 -19.83 -0.75 28.48
CA ALA A 334 -18.72 -1.24 29.28
C ALA A 334 -19.06 -2.64 29.79
N THR A 335 -18.20 -3.61 29.47
CA THR A 335 -18.42 -5.01 29.80
C THR A 335 -17.49 -5.42 30.93
N ILE A 336 -17.98 -6.27 31.83
CA ILE A 336 -17.20 -6.72 32.99
C ILE A 336 -17.62 -8.15 33.31
N SER A 337 -16.79 -8.82 34.10
CA SER A 337 -16.82 -10.15 34.67
C SER A 337 -17.27 -10.10 36.14
N PRO A 338 -18.05 -11.07 36.59
CA PRO A 338 -18.44 -11.08 38.00
C PRO A 338 -17.39 -11.67 38.94
N ALA A 339 -16.37 -12.33 38.42
CA ALA A 339 -15.51 -13.15 39.27
C ALA A 339 -14.52 -12.35 40.13
N SER A 340 -14.24 -12.88 41.31
CA SER A 340 -13.34 -12.25 42.28
C SER A 340 -11.93 -12.05 41.73
N LEU A 341 -11.47 -12.98 40.87
CA LEU A 341 -10.13 -12.92 40.29
C LEU A 341 -9.89 -11.61 39.57
N ASN A 342 -10.93 -11.06 38.95
CA ASN A 342 -10.81 -9.93 38.05
C ASN A 342 -11.08 -8.61 38.73
N LEU A 343 -10.94 -8.58 40.06
CA LEU A 343 -11.25 -7.40 40.85
C LEU A 343 -10.63 -6.13 40.26
N GLU A 344 -9.32 -6.16 40.01
CA GLU A 344 -8.64 -4.93 39.61
C GLU A 344 -9.07 -4.46 38.22
N GLU A 345 -9.30 -5.38 37.30
CA GLU A 345 -9.65 -4.94 35.97
C GLU A 345 -11.10 -4.51 35.92
N THR A 346 -11.94 -5.14 36.72
CA THR A 346 -13.32 -4.66 36.86
C THR A 346 -13.37 -3.23 37.39
N LEU A 347 -12.57 -2.95 38.45
CA LEU A 347 -12.54 -1.58 39.00
C LEU A 347 -12.03 -0.60 37.97
N SER A 348 -10.96 -0.98 37.25
CA SER A 348 -10.38 -0.10 36.25
C SER A 348 -11.40 0.25 35.18
N THR A 349 -12.16 -0.75 34.71
CA THR A 349 -13.19 -0.48 33.70
C THR A 349 -14.27 0.46 34.22
N LEU A 350 -14.81 0.18 35.43
CA LEU A 350 -15.89 1.01 35.96
C LEU A 350 -15.48 2.48 36.12
N GLU A 351 -14.25 2.72 36.58
CA GLU A 351 -13.81 4.08 36.80
C GLU A 351 -13.62 4.83 35.49
N TYR A 352 -13.00 4.18 34.50
CA TYR A 352 -12.88 4.77 33.17
C TYR A 352 -14.25 5.07 32.57
N ALA A 353 -15.17 4.09 32.63
CA ALA A 353 -16.52 4.28 32.08
C ALA A 353 -17.28 5.34 32.84
N HIS A 354 -17.23 5.29 34.17
CA HIS A 354 -17.97 6.30 34.91
C HIS A 354 -17.45 7.69 34.61
N ARG A 355 -16.13 7.84 34.52
CA ARG A 355 -15.56 9.16 34.27
C ARG A 355 -15.92 9.70 32.89
N ALA A 356 -16.12 8.83 31.92
CA ALA A 356 -16.45 9.34 30.60
C ALA A 356 -17.87 9.88 30.51
N LYS A 357 -18.68 9.78 31.58
CA LYS A 357 -20.02 10.37 31.58
C LYS A 357 -19.97 11.88 31.60
N ASN A 358 -18.85 12.45 31.97
CA ASN A 358 -18.74 13.90 32.08
C ASN A 358 -18.32 14.60 30.78
N ILE A 359 -18.38 13.93 29.64
CA ILE A 359 -17.95 14.53 28.39
C ILE A 359 -19.19 14.93 27.60
N LEU A 360 -19.15 16.14 27.04
CA LEU A 360 -20.23 16.70 26.23
C LEU A 360 -19.88 16.73 24.75
N ASN A 361 -20.81 16.29 23.90
CA ASN A 361 -20.75 16.56 22.48
C ASN A 361 -21.87 17.53 22.15
N LYS A 362 -21.89 18.02 20.91
CA LYS A 362 -22.94 18.94 20.44
C LYS A 362 -23.45 18.45 19.09
N PRO A 363 -24.24 17.37 19.06
CA PRO A 363 -24.60 16.73 17.78
C PRO A 363 -25.38 17.63 16.82
N GLU A 364 -25.30 17.28 15.53
CA GLU A 364 -25.51 18.15 14.35
C GLU A 364 -25.84 19.62 14.63
N LYS B 17 -18.81 31.08 -36.39
CA LYS B 17 -18.68 29.62 -36.23
C LYS B 17 -17.36 29.13 -36.76
N ASN B 18 -16.28 29.75 -36.36
CA ASN B 18 -15.08 29.04 -36.71
C ASN B 18 -14.64 28.17 -35.56
N ILE B 19 -13.81 27.18 -35.87
CA ILE B 19 -13.20 26.44 -34.79
C ILE B 19 -12.26 27.41 -34.09
N GLN B 20 -12.37 27.45 -32.77
CA GLN B 20 -11.52 28.28 -31.94
C GLN B 20 -10.26 27.47 -31.65
N VAL B 21 -9.10 28.13 -31.71
CA VAL B 21 -7.82 27.46 -31.49
C VAL B 21 -7.00 28.30 -30.52
N VAL B 22 -6.59 27.70 -29.40
CA VAL B 22 -5.77 28.36 -28.41
C VAL B 22 -4.50 27.54 -28.25
N VAL B 23 -3.43 28.17 -27.72
CA VAL B 23 -2.16 27.47 -27.50
C VAL B 23 -1.75 27.67 -26.06
N ARG B 24 -1.26 26.58 -25.46
CA ARG B 24 -0.76 26.63 -24.08
C ARG B 24 0.64 26.06 -24.05
N CYS B 25 1.57 26.85 -23.51
CA CYS B 25 2.96 26.44 -23.37
C CYS B 25 3.25 26.04 -21.92
N ARG B 26 3.93 24.86 -21.73
CA ARG B 26 4.30 24.46 -20.39
C ARG B 26 5.67 25.05 -20.01
N PRO B 27 5.99 25.13 -18.72
CA PRO B 27 7.35 25.53 -18.32
C PRO B 27 8.33 24.42 -18.59
N PHE B 28 9.62 24.73 -18.44
CA PHE B 28 10.67 23.72 -18.52
C PHE B 28 10.43 22.61 -17.49
N ASN B 29 10.64 21.36 -17.93
CA ASN B 29 10.53 20.19 -17.06
C ASN B 29 11.90 19.81 -16.47
N LEU B 30 11.97 18.65 -15.82
CA LEU B 30 13.18 18.29 -15.09
C LEU B 30 14.30 17.86 -16.02
N ALA B 31 13.99 17.01 -17.01
CA ALA B 31 14.97 16.63 -18.02
C ALA B 31 15.59 17.85 -18.73
N GLU B 32 14.76 18.86 -19.08
CA GLU B 32 15.22 20.00 -19.89
C GLU B 32 16.14 20.91 -19.09
N ARG B 33 15.77 21.21 -17.84
CA ARG B 33 16.66 22.00 -17.00
C ARG B 33 18.01 21.31 -16.85
N LYS B 34 18.02 19.98 -16.67
CA LYS B 34 19.30 19.27 -16.51
C LYS B 34 20.22 19.47 -17.71
N ALA B 35 19.68 19.47 -18.92
CA ALA B 35 20.47 19.64 -20.12
C ALA B 35 20.78 21.10 -20.43
N SER B 36 20.44 22.03 -19.52
CA SER B 36 20.63 23.45 -19.78
C SER B 36 19.94 23.86 -21.09
N ALA B 37 18.68 23.43 -21.25
CA ALA B 37 17.92 23.76 -22.44
C ALA B 37 17.70 25.26 -22.54
N HIS B 38 17.72 25.78 -23.77
CA HIS B 38 17.34 27.15 -24.09
C HIS B 38 15.88 27.21 -24.54
N SER B 39 15.21 28.31 -24.20
CA SER B 39 13.85 28.51 -24.65
C SER B 39 13.89 29.01 -26.08
N ILE B 40 12.93 28.56 -26.90
CA ILE B 40 12.85 29.09 -28.25
C ILE B 40 11.42 29.56 -28.51
N VAL B 41 10.61 29.63 -27.46
CA VAL B 41 9.21 30.02 -27.57
C VAL B 41 9.01 31.29 -26.77
N GLU B 42 8.35 32.27 -27.38
CA GLU B 42 7.85 33.48 -26.71
C GLU B 42 6.35 33.58 -26.95
N CYS B 43 5.58 33.58 -25.86
CA CYS B 43 4.13 33.52 -25.85
C CYS B 43 3.55 34.86 -25.39
N ASP B 44 2.82 35.55 -26.28
CA ASP B 44 2.34 36.90 -26.03
C ASP B 44 0.82 36.89 -25.83
N PRO B 45 0.34 36.88 -24.58
CA PRO B 45 -1.12 36.77 -24.35
C PRO B 45 -1.91 37.95 -24.88
N VAL B 46 -1.36 39.16 -24.73
CA VAL B 46 -2.00 40.38 -25.19
C VAL B 46 -2.16 40.36 -26.71
N ARG B 47 -1.06 40.18 -27.45
CA ARG B 47 -1.23 40.15 -28.90
C ARG B 47 -1.64 38.78 -29.42
N LYS B 48 -1.83 37.79 -28.55
CA LYS B 48 -2.35 36.46 -28.93
C LYS B 48 -1.48 35.78 -29.97
N GLU B 49 -0.16 35.86 -29.75
CA GLU B 49 0.87 35.40 -30.68
C GLU B 49 1.80 34.40 -30.01
N VAL B 50 2.24 33.42 -30.78
CA VAL B 50 3.37 32.58 -30.43
C VAL B 50 4.43 32.82 -31.47
N SER B 51 5.64 33.08 -31.03
CA SER B 51 6.77 33.34 -31.90
C SER B 51 7.90 32.35 -31.57
N VAL B 52 8.40 31.64 -32.57
CA VAL B 52 9.39 30.57 -32.37
C VAL B 52 10.72 30.96 -33.02
N ARG B 53 11.82 30.84 -32.25
CA ARG B 53 13.16 31.15 -32.75
C ARG B 53 13.75 29.95 -33.48
N THR B 54 13.85 30.04 -34.80
CA THR B 54 14.17 28.89 -35.63
C THR B 54 15.58 28.85 -36.20
N GLY B 55 16.37 29.91 -36.05
CA GLY B 55 17.64 29.84 -36.71
C GLY B 55 18.82 29.25 -35.95
N GLY B 56 18.61 28.76 -34.74
CA GLY B 56 19.69 28.08 -34.04
C GLY B 56 20.90 28.95 -33.75
N LEU B 57 22.08 28.39 -34.00
CA LEU B 57 23.34 29.12 -33.86
C LEU B 57 23.70 29.92 -35.11
N ALA B 58 23.00 29.66 -36.22
CA ALA B 58 23.33 30.22 -37.52
C ALA B 58 22.72 31.60 -37.79
N ASP B 59 21.44 31.83 -37.45
CA ASP B 59 20.77 33.08 -37.83
C ASP B 59 19.92 33.54 -36.65
N LYS B 60 20.46 34.46 -35.85
CA LYS B 60 19.74 34.80 -34.63
C LYS B 60 18.43 35.56 -34.86
N SER B 61 18.10 35.90 -36.10
CA SER B 61 16.99 36.81 -36.36
C SER B 61 15.75 36.13 -36.90
N SER B 62 15.85 34.92 -37.40
CA SER B 62 14.69 34.28 -37.99
C SER B 62 13.72 33.77 -36.91
N ARG B 63 12.43 33.90 -37.24
CA ARG B 63 11.31 33.52 -36.39
C ARG B 63 10.21 32.94 -37.26
N LYS B 64 9.32 32.18 -36.63
CA LYS B 64 7.99 31.89 -37.18
C LYS B 64 7.02 32.39 -36.12
N THR B 65 6.10 33.28 -36.53
CA THR B 65 5.15 33.91 -35.62
C THR B 65 3.76 33.54 -36.10
N TYR B 66 2.91 33.07 -35.17
CA TYR B 66 1.55 32.64 -35.50
C TYR B 66 0.57 33.31 -34.56
N THR B 67 -0.61 33.63 -35.09
CA THR B 67 -1.61 34.36 -34.33
C THR B 67 -2.81 33.45 -34.07
N PHE B 68 -3.31 33.47 -32.83
CA PHE B 68 -4.35 32.56 -32.37
C PHE B 68 -5.47 33.31 -31.66
N ASP B 69 -6.51 32.55 -31.34
CA ASP B 69 -7.65 33.08 -30.61
C ASP B 69 -7.34 33.41 -29.16
N MET B 70 -6.46 32.65 -28.51
CA MET B 70 -5.97 32.97 -27.18
C MET B 70 -4.61 32.29 -27.03
N VAL B 71 -3.76 32.84 -26.13
CA VAL B 71 -2.44 32.28 -25.92
C VAL B 71 -2.12 32.29 -24.44
N PHE B 72 -1.69 31.13 -23.91
CA PHE B 72 -1.33 30.96 -22.51
C PHE B 72 0.16 30.62 -22.39
N GLY B 73 0.91 31.48 -21.72
CA GLY B 73 2.30 31.23 -21.48
C GLY B 73 2.51 30.27 -20.34
N ALA B 74 3.81 30.03 -20.07
CA ALA B 74 4.25 29.01 -19.12
C ALA B 74 3.77 29.26 -17.70
N SER B 75 3.41 30.49 -17.38
CA SER B 75 3.03 30.85 -16.03
C SER B 75 1.54 30.74 -15.78
N THR B 76 0.76 30.27 -16.75
CA THR B 76 -0.69 30.28 -16.62
C THR B 76 -1.17 29.22 -15.64
N LYS B 77 -2.00 29.65 -14.70
CA LYS B 77 -2.59 28.76 -13.71
C LYS B 77 -3.82 28.07 -14.30
N GLN B 78 -4.09 26.85 -13.79
CA GLN B 78 -5.20 26.02 -14.29
C GLN B 78 -6.54 26.75 -14.29
N ILE B 79 -6.85 27.46 -13.21
CA ILE B 79 -8.15 28.11 -13.13
C ILE B 79 -8.29 29.15 -14.24
N ASP B 80 -7.15 29.73 -14.68
CA ASP B 80 -7.16 30.70 -15.77
C ASP B 80 -7.57 30.05 -17.09
N VAL B 81 -7.08 28.82 -17.39
CA VAL B 81 -7.55 28.10 -18.58
C VAL B 81 -9.04 27.80 -18.45
N TYR B 82 -9.48 27.39 -17.26
CA TYR B 82 -10.89 27.06 -17.09
C TYR B 82 -11.75 28.26 -17.41
N ARG B 83 -11.45 29.40 -16.77
CA ARG B 83 -12.30 30.57 -16.93
C ARG B 83 -12.32 31.04 -18.37
N SER B 84 -11.15 31.08 -19.03
CA SER B 84 -11.06 31.69 -20.36
C SER B 84 -11.62 30.77 -21.45
N VAL B 85 -11.45 29.46 -21.33
CA VAL B 85 -11.84 28.58 -22.39
C VAL B 85 -13.16 27.87 -22.11
N VAL B 86 -13.37 27.42 -20.85
CA VAL B 86 -14.45 26.46 -20.57
C VAL B 86 -15.79 27.13 -20.27
N CYS B 87 -15.80 28.18 -19.45
CA CYS B 87 -17.05 28.84 -19.06
C CYS B 87 -17.91 29.24 -20.26
N PRO B 88 -17.40 29.96 -21.27
CA PRO B 88 -18.25 30.24 -22.45
C PRO B 88 -18.78 28.98 -23.09
N ILE B 89 -17.97 27.93 -23.16
CA ILE B 89 -18.42 26.71 -23.82
C ILE B 89 -19.45 26.02 -22.95
N LEU B 90 -19.25 26.07 -21.64
CA LEU B 90 -20.24 25.54 -20.72
C LEU B 90 -21.59 26.23 -20.92
N ASP B 91 -21.57 27.55 -21.16
CA ASP B 91 -22.80 28.31 -21.31
C ASP B 91 -23.61 27.84 -22.51
N GLU B 92 -22.95 27.58 -23.62
CA GLU B 92 -23.67 27.08 -24.79
C GLU B 92 -24.05 25.61 -24.65
N VAL B 93 -23.46 24.88 -23.70
CA VAL B 93 -23.93 23.53 -23.47
C VAL B 93 -25.30 23.59 -22.80
N ILE B 94 -25.45 24.45 -21.79
CA ILE B 94 -26.76 24.56 -21.16
C ILE B 94 -27.81 25.15 -22.12
N MET B 95 -27.42 26.05 -23.03
CA MET B 95 -28.36 26.58 -24.02
C MET B 95 -28.79 25.53 -25.03
N GLY B 96 -28.34 24.29 -24.92
CA GLY B 96 -28.80 23.22 -25.76
C GLY B 96 -27.96 22.91 -26.99
N TYR B 97 -26.70 23.34 -27.01
CA TYR B 97 -25.83 23.03 -28.13
C TYR B 97 -24.91 21.86 -27.77
N ASN B 98 -24.22 21.38 -28.80
CA ASN B 98 -23.26 20.30 -28.70
C ASN B 98 -21.86 20.92 -28.79
N CYS B 99 -20.98 20.49 -27.89
CA CYS B 99 -19.65 21.09 -27.79
C CYS B 99 -18.56 20.03 -27.69
N THR B 100 -17.42 20.34 -28.29
CA THR B 100 -16.25 19.47 -28.28
C THR B 100 -15.04 20.33 -27.99
N ILE B 101 -14.18 19.85 -27.08
CA ILE B 101 -12.84 20.41 -26.86
C ILE B 101 -11.82 19.27 -26.97
N PHE B 102 -10.85 19.39 -27.89
CA PHE B 102 -9.78 18.40 -27.83
C PHE B 102 -8.40 19.04 -27.70
N ALA B 103 -7.54 18.32 -27.00
CA ALA B 103 -6.16 18.68 -26.73
C ALA B 103 -5.25 17.98 -27.73
N TYR B 104 -4.35 18.77 -28.34
CA TYR B 104 -3.46 18.27 -29.39
C TYR B 104 -2.01 18.67 -29.10
N GLY B 105 -1.08 17.75 -29.26
CA GLY B 105 0.32 18.11 -29.12
C GLY B 105 1.23 16.92 -28.90
N GLN B 106 2.52 17.21 -28.77
CA GLN B 106 3.38 16.05 -28.65
C GLN B 106 3.38 15.54 -27.19
N THR B 107 3.85 14.31 -27.01
CA THR B 107 3.92 13.70 -25.69
C THR B 107 4.77 14.56 -24.76
N GLY B 108 4.25 14.86 -23.58
CA GLY B 108 4.98 15.61 -22.59
C GLY B 108 4.75 17.10 -22.56
N THR B 109 3.82 17.62 -23.35
CA THR B 109 3.64 19.06 -23.41
C THR B 109 2.46 19.55 -22.60
N GLY B 110 1.68 18.66 -22.01
CA GLY B 110 0.63 19.05 -21.11
C GLY B 110 -0.79 18.84 -21.57
N LYS B 111 -1.04 17.92 -22.50
CA LYS B 111 -2.41 17.61 -22.89
C LYS B 111 -3.20 17.11 -21.69
N THR B 112 -2.71 16.07 -21.03
CA THR B 112 -3.46 15.50 -19.92
C THR B 112 -3.47 16.39 -18.70
N PHE B 113 -2.40 17.13 -18.46
CA PHE B 113 -2.42 18.11 -17.38
C PHE B 113 -3.54 19.12 -17.58
N THR B 114 -3.81 19.51 -18.84
CA THR B 114 -4.84 20.48 -19.15
C THR B 114 -6.24 19.86 -19.04
N MET B 115 -6.44 18.69 -19.60
CA MET B 115 -7.76 18.06 -19.61
C MET B 115 -8.13 17.45 -18.26
N GLU B 116 -7.16 16.95 -17.51
CA GLU B 116 -7.46 16.32 -16.23
C GLU B 116 -6.79 17.01 -15.06
N GLY B 117 -5.51 17.31 -15.17
CA GLY B 117 -4.83 17.93 -14.06
C GLY B 117 -4.24 16.88 -13.14
N GLU B 118 -3.83 17.33 -11.96
CA GLU B 118 -3.21 16.44 -10.98
C GLU B 118 -3.80 16.78 -9.61
N ARG B 119 -3.54 15.94 -8.60
CA ARG B 119 -4.00 16.26 -7.24
C ARG B 119 -2.81 16.74 -6.43
N SER B 120 -3.01 17.83 -5.69
CA SER B 120 -1.94 18.31 -4.83
C SER B 120 -1.70 17.25 -3.76
N PRO B 121 -0.45 16.99 -3.36
CA PRO B 121 -0.18 15.84 -2.50
C PRO B 121 -0.67 16.05 -1.07
N ASN B 122 -0.86 14.92 -0.37
CA ASN B 122 -1.18 14.82 1.06
C ASN B 122 -2.60 15.23 1.38
N GLU B 123 -3.50 15.19 0.39
CA GLU B 123 -4.90 15.53 0.66
C GLU B 123 -5.02 16.92 1.27
N GLU B 124 -4.28 17.88 0.73
CA GLU B 124 -4.37 19.26 1.22
C GLU B 124 -5.61 19.97 0.72
N TYR B 125 -6.24 19.48 -0.33
CA TYR B 125 -7.38 20.19 -0.86
C TYR B 125 -8.48 19.21 -1.12
N THR B 126 -9.71 19.73 -1.10
CA THR B 126 -10.75 18.95 -1.69
C THR B 126 -10.50 18.91 -3.19
N TRP B 127 -11.03 17.88 -3.82
CA TRP B 127 -10.90 17.81 -5.26
C TRP B 127 -11.58 19.00 -5.95
N GLU B 128 -12.60 19.59 -5.31
CA GLU B 128 -13.27 20.76 -5.88
C GLU B 128 -12.40 22.01 -5.88
N GLU B 129 -11.42 22.11 -4.99
CA GLU B 129 -10.62 23.33 -4.87
C GLU B 129 -9.13 23.12 -5.12
N ASP B 130 -8.72 21.93 -5.54
CA ASP B 130 -7.31 21.69 -5.83
C ASP B 130 -6.84 22.60 -6.97
N PRO B 131 -5.88 23.51 -6.73
CA PRO B 131 -5.47 24.43 -7.81
C PRO B 131 -4.86 23.72 -9.01
N LEU B 132 -4.50 22.45 -8.89
CA LEU B 132 -3.91 21.67 -9.98
C LEU B 132 -4.95 20.92 -10.84
N ALA B 133 -6.24 20.99 -10.50
CA ALA B 133 -7.26 20.29 -11.28
C ALA B 133 -7.43 20.90 -12.66
N GLY B 134 -7.65 20.04 -13.65
CA GLY B 134 -7.84 20.46 -15.02
C GLY B 134 -9.31 20.57 -15.37
N ILE B 135 -9.59 20.52 -16.68
CA ILE B 135 -10.90 20.90 -17.22
C ILE B 135 -11.99 19.95 -16.76
N ILE B 136 -11.73 18.64 -16.83
CA ILE B 136 -12.79 17.67 -16.61
C ILE B 136 -13.36 17.77 -15.20
N PRO B 137 -12.57 17.63 -14.13
CA PRO B 137 -13.16 17.75 -12.79
C PRO B 137 -13.78 19.13 -12.50
N ARG B 138 -13.23 20.24 -13.01
CA ARG B 138 -13.87 21.53 -12.76
C ARG B 138 -15.20 21.66 -13.50
N THR B 139 -15.33 21.02 -14.67
CA THR B 139 -16.57 21.06 -15.45
C THR B 139 -17.70 20.30 -14.74
N LEU B 140 -17.40 19.16 -14.10
CA LEU B 140 -18.40 18.38 -13.39
C LEU B 140 -18.80 19.05 -12.07
N HIS B 141 -17.81 19.59 -11.32
CA HIS B 141 -18.14 20.32 -10.10
C HIS B 141 -19.09 21.47 -10.37
N GLN B 142 -18.84 22.24 -11.42
CA GLN B 142 -19.63 23.43 -11.73
C GLN B 142 -20.86 23.19 -12.56
N ILE B 143 -20.99 22.05 -13.23
CA ILE B 143 -22.25 21.79 -13.92
C ILE B 143 -23.40 21.79 -12.92
N PHE B 144 -23.16 21.24 -11.73
CA PHE B 144 -24.21 21.20 -10.75
C PHE B 144 -24.51 22.59 -10.19
N GLU B 145 -23.50 23.40 -9.90
CA GLU B 145 -23.75 24.72 -9.33
C GLU B 145 -24.57 25.59 -10.28
N LYS B 146 -24.23 25.59 -11.57
CA LYS B 146 -24.95 26.49 -12.47
C LYS B 146 -26.40 26.07 -12.61
N LEU B 147 -26.67 24.78 -12.77
CA LEU B 147 -28.04 24.36 -13.04
C LEU B 147 -28.87 24.27 -11.77
N THR B 148 -28.28 23.86 -10.65
CA THR B 148 -28.97 23.94 -9.38
C THR B 148 -29.16 25.41 -9.02
N ASP B 149 -30.17 25.67 -8.19
CA ASP B 149 -30.55 27.05 -7.84
C ASP B 149 -30.71 27.89 -9.11
N ASN B 150 -31.18 27.25 -10.17
CA ASN B 150 -31.57 27.86 -11.43
C ASN B 150 -33.00 27.44 -11.74
N GLY B 151 -33.53 26.47 -10.98
CA GLY B 151 -34.93 26.16 -10.92
C GLY B 151 -35.48 25.37 -12.07
N THR B 152 -34.61 24.77 -12.89
CA THR B 152 -35.07 23.91 -13.95
C THR B 152 -34.46 22.54 -13.68
N GLU B 153 -35.20 21.50 -14.03
CA GLU B 153 -34.82 20.15 -13.65
C GLU B 153 -33.97 19.48 -14.73
N PHE B 154 -32.94 18.79 -14.27
CA PHE B 154 -31.84 18.30 -15.09
C PHE B 154 -31.34 16.96 -14.57
N SER B 155 -30.97 16.08 -15.50
CA SER B 155 -30.27 14.84 -15.20
C SER B 155 -28.95 14.85 -15.96
N VAL B 156 -27.89 14.37 -15.30
CA VAL B 156 -26.55 14.38 -15.85
C VAL B 156 -26.04 12.96 -15.94
N LYS B 157 -25.60 12.54 -17.14
CA LYS B 157 -24.87 11.29 -17.26
C LYS B 157 -23.54 11.48 -18.01
N VAL B 158 -22.59 10.59 -17.71
CA VAL B 158 -21.24 10.63 -18.25
C VAL B 158 -20.84 9.24 -18.76
N SER B 159 -20.02 9.22 -19.83
CA SER B 159 -19.38 8.00 -20.32
C SER B 159 -17.93 8.32 -20.71
N LEU B 160 -17.12 7.26 -20.86
CA LEU B 160 -15.68 7.41 -21.09
C LEU B 160 -15.17 6.19 -21.86
N LEU B 161 -14.92 6.38 -23.16
CA LEU B 161 -14.29 5.37 -24.00
C LEU B 161 -12.92 5.80 -24.53
N GLU B 162 -12.09 4.82 -24.87
CA GLU B 162 -10.74 5.07 -25.36
C GLU B 162 -10.48 4.29 -26.64
N ILE B 163 -9.74 4.89 -27.55
CA ILE B 163 -9.40 4.29 -28.84
C ILE B 163 -7.91 3.96 -28.82
N TYR B 164 -7.59 2.69 -29.04
CA TYR B 164 -6.22 2.16 -29.14
C TYR B 164 -6.22 1.10 -30.23
N ASN B 165 -5.34 1.29 -31.22
CA ASN B 165 -5.19 0.39 -32.37
C ASN B 165 -6.55 0.17 -33.06
N GLU B 166 -7.33 1.25 -33.15
CA GLU B 166 -8.69 1.25 -33.69
C GLU B 166 -9.61 0.26 -32.95
N GLU B 167 -9.33 -0.04 -31.68
CA GLU B 167 -10.24 -0.80 -30.85
C GLU B 167 -10.78 0.13 -29.78
N LEU B 168 -12.01 -0.12 -29.32
CA LEU B 168 -12.69 0.75 -28.37
C LEU B 168 -12.87 0.04 -27.04
N PHE B 169 -12.55 0.75 -25.96
CA PHE B 169 -12.61 0.21 -24.62
C PHE B 169 -13.49 1.10 -23.75
N ASP B 170 -14.23 0.48 -22.84
CA ASP B 170 -15.19 1.22 -22.03
C ASP B 170 -14.60 1.32 -20.63
N LEU B 171 -14.15 2.51 -20.26
CA LEU B 171 -13.40 2.60 -19.03
C LEU B 171 -14.27 2.77 -17.81
N LEU B 172 -15.56 3.04 -17.98
CA LEU B 172 -16.48 3.12 -16.84
C LEU B 172 -17.40 1.92 -16.81
N ASN B 173 -17.10 0.91 -17.59
CA ASN B 173 -17.98 -0.21 -17.68
C ASN B 173 -17.95 -1.04 -16.41
N PRO B 174 -19.07 -1.62 -16.02
CA PRO B 174 -19.07 -2.53 -14.86
C PRO B 174 -18.26 -3.79 -15.06
N SER B 175 -17.97 -4.21 -16.29
CA SER B 175 -17.16 -5.41 -16.51
C SER B 175 -15.79 -5.28 -15.85
N SER B 176 -15.33 -6.35 -15.23
CA SER B 176 -14.05 -6.26 -14.53
C SER B 176 -12.84 -6.42 -15.45
N ASP B 177 -13.03 -6.78 -16.73
CA ASP B 177 -11.94 -6.94 -17.69
C ASP B 177 -11.99 -5.76 -18.66
N VAL B 178 -11.00 -4.88 -18.55
CA VAL B 178 -10.92 -3.69 -19.39
C VAL B 178 -10.75 -4.00 -20.88
N SER B 179 -10.40 -5.23 -21.24
CA SER B 179 -10.15 -5.49 -22.65
C SER B 179 -11.42 -5.79 -23.44
N GLU B 180 -12.59 -5.84 -22.78
CA GLU B 180 -13.85 -6.12 -23.47
C GLU B 180 -14.21 -4.93 -24.36
N ARG B 181 -14.32 -5.17 -25.67
CA ARG B 181 -14.37 -4.11 -26.68
C ARG B 181 -15.80 -3.66 -27.00
N LEU B 182 -15.91 -2.38 -27.34
CA LEU B 182 -17.14 -1.81 -27.86
C LEU B 182 -17.21 -1.97 -29.38
N GLN B 183 -18.27 -1.45 -29.97
CA GLN B 183 -18.45 -1.54 -31.41
C GLN B 183 -19.27 -0.33 -31.84
N MET B 184 -19.16 0.03 -33.12
CA MET B 184 -19.60 1.36 -33.56
C MET B 184 -20.46 1.28 -34.82
N PHE B 185 -21.62 1.94 -34.80
CA PHE B 185 -22.59 1.87 -35.89
C PHE B 185 -23.16 3.24 -36.21
N ASP B 186 -23.50 3.43 -37.50
CA ASP B 186 -24.06 4.71 -37.93
C ASP B 186 -25.40 4.96 -37.24
N ASP B 187 -25.58 6.18 -36.75
CA ASP B 187 -26.78 6.55 -36.03
C ASP B 187 -27.90 6.88 -37.00
N PRO B 188 -29.00 6.13 -37.01
CA PRO B 188 -30.15 6.50 -37.84
C PRO B 188 -30.96 7.68 -37.30
N ARG B 189 -30.47 8.35 -36.24
CA ARG B 189 -31.01 9.60 -35.67
C ARG B 189 -30.25 10.83 -36.18
N ASN B 190 -29.10 10.64 -36.83
CA ASN B 190 -28.19 11.73 -37.10
C ASN B 190 -27.38 11.38 -38.33
N LYS B 191 -27.50 12.20 -39.38
CA LYS B 191 -26.83 11.85 -40.63
C LYS B 191 -25.31 11.96 -40.50
N ARG B 192 -24.85 12.70 -39.50
CA ARG B 192 -23.42 12.85 -39.24
C ARG B 192 -23.03 12.27 -37.88
N GLY B 193 -23.78 11.28 -37.39
CA GLY B 193 -23.50 10.65 -36.11
C GLY B 193 -23.26 9.15 -36.15
N VAL B 194 -22.80 8.62 -35.01
CA VAL B 194 -22.65 7.18 -34.75
C VAL B 194 -23.16 6.86 -33.36
N ILE B 195 -23.50 5.58 -33.12
CA ILE B 195 -23.89 5.03 -31.80
C ILE B 195 -22.84 4.02 -31.33
N ILE B 196 -22.49 4.06 -30.03
CA ILE B 196 -21.48 3.16 -29.46
C ILE B 196 -22.20 2.03 -28.73
N LYS B 197 -22.26 0.85 -29.36
CA LYS B 197 -22.97 -0.30 -28.80
C LYS B 197 -22.19 -0.91 -27.64
N GLY B 198 -22.80 -0.92 -26.44
CA GLY B 198 -22.18 -1.50 -25.25
C GLY B 198 -21.70 -0.48 -24.22
N LEU B 199 -21.70 0.81 -24.57
CA LEU B 199 -21.06 1.83 -23.76
C LEU B 199 -21.90 2.14 -22.52
N GLU B 200 -21.27 2.07 -21.35
CA GLU B 200 -21.95 2.39 -20.12
C GLU B 200 -22.07 3.90 -19.98
N GLU B 201 -23.28 4.35 -19.63
CA GLU B 201 -23.55 5.75 -19.32
C GLU B 201 -24.07 5.81 -17.90
N ILE B 202 -23.37 6.55 -17.05
CA ILE B 202 -23.62 6.57 -15.62
C ILE B 202 -24.36 7.86 -15.24
N THR B 203 -25.47 7.74 -14.51
CA THR B 203 -26.19 8.94 -14.09
C THR B 203 -25.50 9.50 -12.85
N VAL B 204 -25.17 10.77 -12.91
CA VAL B 204 -24.51 11.49 -11.82
C VAL B 204 -25.61 12.33 -11.17
N HIS B 205 -26.00 11.95 -9.95
CA HIS B 205 -27.15 12.64 -9.38
C HIS B 205 -26.81 14.00 -8.79
N ASN B 206 -25.55 14.22 -8.40
CA ASN B 206 -25.10 15.43 -7.72
C ASN B 206 -23.58 15.40 -7.65
N LYS B 207 -23.00 16.55 -7.28
CA LYS B 207 -21.54 16.72 -7.30
C LYS B 207 -20.80 15.73 -6.41
N ASP B 208 -21.45 15.24 -5.36
CA ASP B 208 -20.77 14.40 -4.36
C ASP B 208 -20.53 12.98 -4.84
N GLU B 209 -21.12 12.61 -5.96
CA GLU B 209 -20.95 11.31 -6.56
C GLU B 209 -19.75 11.23 -7.52
N VAL B 210 -19.19 12.39 -7.88
CA VAL B 210 -18.30 12.54 -9.04
C VAL B 210 -16.94 11.91 -8.81
N TYR B 211 -16.36 12.12 -7.64
CA TYR B 211 -15.00 11.62 -7.50
C TYR B 211 -14.96 10.09 -7.47
N GLN B 212 -16.01 9.36 -7.00
CA GLN B 212 -15.72 7.92 -6.97
C GLN B 212 -15.78 7.41 -8.42
N ILE B 213 -16.47 8.12 -9.33
CA ILE B 213 -16.54 7.72 -10.73
C ILE B 213 -15.21 7.92 -11.45
N LEU B 214 -14.64 9.12 -11.31
CA LEU B 214 -13.30 9.33 -11.83
C LEU B 214 -12.31 8.32 -11.25
N GLU B 215 -12.44 7.99 -9.95
CA GLU B 215 -11.51 7.03 -9.37
C GLU B 215 -11.61 5.67 -10.05
N LYS B 216 -12.84 5.29 -10.40
CA LYS B 216 -13.09 4.00 -11.01
C LYS B 216 -12.56 3.96 -12.45
N GLY B 217 -12.68 5.06 -13.21
CA GLY B 217 -12.05 5.10 -14.51
C GLY B 217 -10.52 5.08 -14.46
N ALA B 218 -9.93 5.74 -13.46
CA ALA B 218 -8.48 5.75 -13.35
C ALA B 218 -7.92 4.36 -13.09
N ALA B 219 -8.60 3.56 -12.27
CA ALA B 219 -8.08 2.22 -12.01
C ALA B 219 -8.08 1.38 -13.29
N LYS B 220 -9.13 1.53 -14.12
CA LYS B 220 -9.18 0.80 -15.38
C LYS B 220 -8.09 1.28 -16.33
N ARG B 221 -7.85 2.59 -16.37
CA ARG B 221 -6.77 3.12 -17.21
C ARG B 221 -5.43 2.53 -16.85
N THR B 222 -5.15 2.40 -15.55
CA THR B 222 -3.86 1.87 -15.13
C THR B 222 -3.68 0.44 -15.60
N THR B 223 -4.75 -0.37 -15.55
CA THR B 223 -4.62 -1.75 -15.98
C THR B 223 -4.43 -1.88 -17.49
N ALA B 224 -5.13 -1.08 -18.30
CA ALA B 224 -4.89 -1.15 -19.75
C ALA B 224 -3.43 -0.87 -20.07
N ALA B 225 -2.80 0.02 -19.30
CA ALA B 225 -1.41 0.35 -19.56
C ALA B 225 -0.51 -0.89 -19.38
N THR B 226 -0.80 -1.75 -18.39
CA THR B 226 0.02 -2.95 -18.27
C THR B 226 -0.27 -3.97 -19.37
N LEU B 227 -1.35 -3.80 -20.13
CA LEU B 227 -1.75 -4.78 -21.12
C LEU B 227 -1.31 -4.44 -22.55
N MET B 228 -1.15 -3.15 -22.86
CA MET B 228 -0.92 -2.69 -24.23
C MET B 228 0.26 -1.74 -24.25
N ASN B 229 1.08 -1.84 -25.30
CA ASN B 229 2.35 -1.14 -25.30
C ASN B 229 2.12 0.36 -25.55
N ALA B 230 2.72 1.19 -24.68
CA ALA B 230 2.72 2.64 -24.84
C ALA B 230 1.31 3.20 -24.84
N TYR B 231 0.47 2.65 -23.96
CA TYR B 231 -0.97 2.95 -23.97
C TYR B 231 -1.25 4.43 -23.77
N SER B 232 -0.60 5.05 -22.77
CA SER B 232 -0.93 6.42 -22.40
CA SER B 232 -0.94 6.42 -22.40
C SER B 232 -0.62 7.41 -23.51
N SER B 233 0.43 7.18 -24.30
CA SER B 233 0.79 8.10 -25.38
C SER B 233 0.28 7.68 -26.75
N ARG B 234 -0.29 6.48 -26.88
CA ARG B 234 -0.83 6.03 -28.16
C ARG B 234 -2.35 5.86 -28.20
N SER B 235 -3.07 6.16 -27.11
CA SER B 235 -4.53 6.07 -27.08
C SER B 235 -5.19 7.43 -27.16
N HIS B 236 -6.39 7.46 -27.70
CA HIS B 236 -7.26 8.62 -27.60
C HIS B 236 -8.31 8.42 -26.50
N SER B 237 -8.66 9.49 -25.83
CA SER B 237 -9.54 9.48 -24.67
C SER B 237 -10.70 10.40 -24.99
N VAL B 238 -11.94 9.91 -24.86
CA VAL B 238 -13.13 10.71 -25.16
C VAL B 238 -14.07 10.64 -23.96
N PHE B 239 -14.09 11.70 -23.15
CA PHE B 239 -14.99 11.80 -22.01
C PHE B 239 -16.22 12.63 -22.42
N SER B 240 -17.40 11.99 -22.40
CA SER B 240 -18.65 12.64 -22.83
C SER B 240 -19.55 12.89 -21.62
N VAL B 241 -20.01 14.12 -21.46
CA VAL B 241 -21.04 14.46 -20.48
C VAL B 241 -22.31 14.93 -21.20
N THR B 242 -23.45 14.30 -20.88
CA THR B 242 -24.75 14.65 -21.45
C THR B 242 -25.70 15.25 -20.41
N ILE B 243 -26.38 16.34 -20.76
CA ILE B 243 -27.34 17.02 -19.87
C ILE B 243 -28.73 17.08 -20.51
N HIS B 244 -29.74 16.61 -19.78
CA HIS B 244 -31.15 16.78 -20.14
C HIS B 244 -31.79 17.81 -19.22
N MET B 245 -32.44 18.83 -19.82
CA MET B 245 -33.08 19.91 -19.08
C MET B 245 -34.56 20.03 -19.47
N LYS B 246 -35.42 20.31 -18.49
CA LYS B 246 -36.86 20.39 -18.73
C LYS B 246 -37.41 21.78 -18.53
N LEU B 255 -41.05 20.98 -22.66
CA LEU B 255 -39.87 21.19 -23.50
C LEU B 255 -38.54 20.68 -22.89
N VAL B 256 -37.87 19.77 -23.60
CA VAL B 256 -36.64 19.11 -23.09
C VAL B 256 -35.52 19.35 -24.09
N LYS B 257 -34.54 20.15 -23.70
CA LYS B 257 -33.33 20.42 -24.48
C LYS B 257 -32.20 19.52 -23.99
N ILE B 258 -31.28 19.19 -24.89
CA ILE B 258 -30.19 18.26 -24.62
C ILE B 258 -28.88 18.92 -24.98
N GLY B 259 -27.99 19.06 -24.00
CA GLY B 259 -26.65 19.56 -24.22
C GLY B 259 -25.64 18.43 -24.07
N LYS B 260 -24.56 18.47 -24.86
CA LYS B 260 -23.53 17.44 -24.79
C LYS B 260 -22.16 18.08 -24.98
N LEU B 261 -21.21 17.74 -24.11
CA LEU B 261 -19.85 18.29 -24.12
C LEU B 261 -18.85 17.14 -24.23
N ASN B 262 -18.03 17.15 -25.28
CA ASN B 262 -17.01 16.14 -25.54
C ASN B 262 -15.64 16.65 -25.12
N LEU B 263 -15.00 15.94 -24.20
CA LEU B 263 -13.69 16.30 -23.71
C LEU B 263 -12.72 15.21 -24.14
N VAL B 264 -11.94 15.50 -25.18
CA VAL B 264 -11.09 14.54 -25.90
C VAL B 264 -9.62 14.80 -25.56
N ASP B 265 -8.89 13.74 -25.31
CA ASP B 265 -7.46 13.83 -25.09
C ASP B 265 -6.77 12.88 -26.08
N LEU B 266 -6.20 13.45 -27.16
CA LEU B 266 -5.71 12.73 -28.33
C LEU B 266 -4.37 12.05 -28.01
N ALA B 267 -3.95 11.18 -28.92
CA ALA B 267 -2.63 10.57 -28.83
C ALA B 267 -1.53 11.60 -29.18
N GLY B 268 -0.29 11.25 -28.82
CA GLY B 268 0.83 12.14 -29.09
C GLY B 268 1.00 12.41 -30.57
N SER B 269 1.24 13.68 -30.92
CA SER B 269 1.24 14.07 -32.34
C SER B 269 2.53 13.72 -33.08
N GLU B 270 3.59 13.31 -32.38
CA GLU B 270 4.82 12.94 -33.06
C GLU B 270 4.67 11.63 -33.83
N ASN B 271 3.62 10.85 -33.51
CA ASN B 271 3.31 9.55 -34.14
C ASN B 271 2.92 9.69 -35.62
N ASN B 287 -2.01 0.92 -38.67
CA ASN B 287 -3.22 0.57 -37.91
C ASN B 287 -3.15 1.13 -36.48
N ILE B 288 -1.94 1.11 -35.90
CA ILE B 288 -1.76 1.73 -34.59
C ILE B 288 -1.92 3.25 -34.70
N ASN B 289 -1.57 3.83 -35.85
CA ASN B 289 -1.60 5.28 -36.03
C ASN B 289 -2.83 5.78 -36.77
N GLN B 290 -3.80 4.91 -37.09
CA GLN B 290 -4.78 5.22 -38.13
C GLN B 290 -5.67 6.41 -37.76
N SER B 291 -6.09 6.53 -36.49
CA SER B 291 -6.98 7.66 -36.17
C SER B 291 -6.24 8.99 -36.25
N LEU B 292 -5.02 9.07 -35.75
CA LEU B 292 -4.30 10.34 -35.82
C LEU B 292 -4.04 10.73 -37.27
N LEU B 293 -3.67 9.75 -38.08
CA LEU B 293 -3.41 9.99 -39.49
C LEU B 293 -4.67 10.47 -40.20
N THR B 294 -5.78 9.69 -40.11
CA THR B 294 -7.04 10.12 -40.71
C THR B 294 -7.43 11.52 -40.23
N LEU B 295 -7.17 11.85 -38.96
CA LEU B 295 -7.63 13.15 -38.44
C LEU B 295 -7.01 14.31 -39.21
N GLY B 296 -5.74 14.20 -39.58
CA GLY B 296 -5.12 15.24 -40.38
C GLY B 296 -5.71 15.30 -41.77
N ARG B 297 -5.81 14.14 -42.41
CA ARG B 297 -6.49 14.06 -43.71
C ARG B 297 -7.85 14.71 -43.66
N VAL B 298 -8.63 14.42 -42.61
CA VAL B 298 -9.93 15.06 -42.48
C VAL B 298 -9.74 16.57 -42.42
N ILE B 299 -8.71 17.02 -41.70
CA ILE B 299 -8.53 18.46 -41.51
C ILE B 299 -8.18 19.14 -42.81
N THR B 300 -7.16 18.66 -43.52
CA THR B 300 -6.77 19.32 -44.75
C THR B 300 -7.90 19.32 -45.77
N ALA B 301 -8.69 18.24 -45.84
CA ALA B 301 -9.77 18.17 -46.83
C ALA B 301 -10.81 19.24 -46.56
N LEU B 302 -11.04 19.61 -45.31
CA LEU B 302 -12.01 20.66 -45.10
C LEU B 302 -11.40 22.02 -45.47
N VAL B 303 -10.11 22.23 -45.21
CA VAL B 303 -9.51 23.55 -45.49
C VAL B 303 -9.14 23.72 -46.95
N GLU B 304 -8.95 22.64 -47.70
CA GLU B 304 -8.82 22.72 -49.14
C GLU B 304 -10.13 22.42 -49.86
N ARG B 305 -11.25 22.54 -49.13
CA ARG B 305 -12.59 22.43 -49.69
C ARG B 305 -12.71 21.30 -50.71
N THR B 306 -12.04 20.17 -50.47
CA THR B 306 -12.14 19.01 -51.37
C THR B 306 -13.46 18.26 -51.12
N PRO B 307 -13.91 17.38 -52.08
CA PRO B 307 -15.29 16.91 -52.04
C PRO B 307 -15.55 15.71 -51.12
N HIS B 308 -14.68 14.70 -51.08
CA HIS B 308 -14.89 13.50 -50.28
CA HIS B 308 -14.90 13.51 -50.26
C HIS B 308 -14.03 13.59 -49.01
N VAL B 309 -14.62 14.09 -47.93
CA VAL B 309 -13.96 14.20 -46.62
C VAL B 309 -14.01 12.83 -45.94
N PRO B 310 -12.83 12.24 -45.58
CA PRO B 310 -12.72 10.80 -45.31
C PRO B 310 -12.97 10.43 -43.85
N TYR B 311 -14.06 10.97 -43.27
CA TYR B 311 -14.37 10.66 -41.88
C TYR B 311 -14.44 9.17 -41.65
N ARG B 312 -14.97 8.42 -42.62
CA ARG B 312 -15.25 7.03 -42.33
C ARG B 312 -13.99 6.18 -42.20
N GLU B 313 -12.80 6.72 -42.41
CA GLU B 313 -11.62 5.86 -42.48
C GLU B 313 -10.98 5.62 -41.11
N SER B 314 -11.55 6.13 -40.02
CA SER B 314 -10.99 5.81 -38.71
C SER B 314 -12.06 6.00 -37.64
N LYS B 315 -11.82 5.35 -36.51
CA LYS B 315 -12.77 5.41 -35.42
C LYS B 315 -12.83 6.82 -34.81
N LEU B 316 -11.71 7.52 -34.73
CA LEU B 316 -11.75 8.85 -34.11
C LEU B 316 -12.58 9.80 -34.95
N THR B 317 -12.37 9.80 -36.28
CA THR B 317 -13.06 10.75 -37.15
C THR B 317 -14.54 10.41 -37.36
N ARG B 318 -14.91 9.12 -37.26
CA ARG B 318 -16.33 8.78 -37.26
C ARG B 318 -17.03 9.38 -36.05
N ILE B 319 -16.44 9.25 -34.86
CA ILE B 319 -17.01 9.82 -33.65
C ILE B 319 -17.04 11.34 -33.74
N LEU B 320 -15.93 11.94 -34.15
CA LEU B 320 -15.82 13.38 -34.12
C LEU B 320 -16.27 14.04 -35.42
N GLN B 321 -17.14 13.37 -36.19
CA GLN B 321 -17.41 13.89 -37.52
C GLN B 321 -18.22 15.18 -37.46
N ASP B 322 -19.28 15.21 -36.63
CA ASP B 322 -20.02 16.45 -36.41
C ASP B 322 -19.20 17.54 -35.75
N SER B 323 -18.04 17.21 -35.21
CA SER B 323 -17.21 18.19 -34.55
C SER B 323 -16.19 18.80 -35.48
N LEU B 324 -16.03 18.25 -36.67
CA LEU B 324 -15.09 18.77 -37.67
C LEU B 324 -15.93 19.19 -38.87
N GLY B 325 -16.39 20.43 -38.85
CA GLY B 325 -17.15 20.89 -39.98
C GLY B 325 -18.60 20.45 -39.93
N GLY B 326 -19.11 20.13 -38.75
CA GLY B 326 -20.49 19.74 -38.61
C GLY B 326 -21.28 20.80 -37.88
N ARG B 327 -22.08 20.39 -36.89
CA ARG B 327 -23.02 21.28 -36.23
C ARG B 327 -22.73 21.29 -34.74
N THR B 328 -21.44 21.31 -34.43
CA THR B 328 -20.94 21.21 -33.07
C THR B 328 -19.87 22.26 -32.96
N ARG B 329 -19.96 23.09 -31.94
CA ARG B 329 -18.94 24.11 -31.73
C ARG B 329 -17.75 23.41 -31.10
N THR B 330 -16.58 23.56 -31.73
CA THR B 330 -15.36 22.84 -31.39
C THR B 330 -14.20 23.79 -31.09
N SER B 331 -13.35 23.41 -30.10
CA SER B 331 -12.17 24.19 -29.72
C SER B 331 -10.98 23.27 -29.55
N ILE B 332 -9.83 23.68 -30.09
CA ILE B 332 -8.60 22.91 -30.00
C ILE B 332 -7.63 23.65 -29.09
N ILE B 333 -7.10 22.95 -28.09
CA ILE B 333 -6.02 23.46 -27.27
C ILE B 333 -4.75 22.76 -27.72
N ALA B 334 -3.86 23.51 -28.34
CA ALA B 334 -2.58 22.98 -28.78
C ALA B 334 -1.54 23.26 -27.69
N THR B 335 -0.85 22.21 -27.26
CA THR B 335 0.15 22.28 -26.22
C THR B 335 1.56 22.12 -26.80
N ILE B 336 2.55 22.86 -26.27
CA ILE B 336 3.93 22.80 -26.74
C ILE B 336 4.91 23.00 -25.57
N SER B 337 6.18 22.66 -25.83
CA SER B 337 7.40 22.71 -25.05
C SER B 337 8.24 23.92 -25.42
N PRO B 338 8.87 24.60 -24.47
CA PRO B 338 9.74 25.73 -24.83
C PRO B 338 11.14 25.33 -25.30
N ALA B 339 11.51 24.07 -25.15
CA ALA B 339 12.89 23.64 -25.26
C ALA B 339 13.37 23.65 -26.70
N SER B 340 14.65 23.96 -26.87
CA SER B 340 15.26 24.00 -28.19
C SER B 340 15.23 22.64 -28.88
N LEU B 341 15.38 21.57 -28.11
CA LEU B 341 15.44 20.22 -28.68
C LEU B 341 14.21 19.90 -29.51
N ASN B 342 13.06 20.48 -29.19
CA ASN B 342 11.79 20.06 -29.77
C ASN B 342 11.31 20.93 -30.92
N LEU B 343 12.21 21.71 -31.53
CA LEU B 343 11.85 22.68 -32.55
C LEU B 343 10.90 22.10 -33.60
N GLU B 344 11.26 20.99 -34.23
CA GLU B 344 10.48 20.52 -35.36
C GLU B 344 9.07 20.09 -34.96
N GLU B 345 8.93 19.46 -33.81
CA GLU B 345 7.60 19.02 -33.44
C GLU B 345 6.76 20.19 -32.92
N THR B 346 7.39 21.13 -32.22
CA THR B 346 6.70 22.36 -31.85
C THR B 346 6.17 23.08 -33.08
N LEU B 347 7.02 23.23 -34.10
CA LEU B 347 6.59 23.89 -35.34
C LEU B 347 5.45 23.12 -36.01
N SER B 348 5.56 21.78 -36.00
CA SER B 348 4.53 20.94 -36.60
CA SER B 348 4.52 20.95 -36.61
C SER B 348 3.19 21.13 -35.89
N THR B 349 3.21 21.17 -34.56
CA THR B 349 1.98 21.36 -33.81
C THR B 349 1.36 22.71 -34.14
N LEU B 350 2.16 23.78 -34.07
CA LEU B 350 1.67 25.13 -34.34
C LEU B 350 1.12 25.28 -35.76
N GLU B 351 1.77 24.67 -36.78
CA GLU B 351 1.27 24.76 -38.15
C GLU B 351 -0.04 24.01 -38.33
N TYR B 352 -0.12 22.77 -37.81
CA TYR B 352 -1.35 21.99 -37.80
C TYR B 352 -2.48 22.72 -37.08
N ALA B 353 -2.17 23.27 -35.93
CA ALA B 353 -3.22 23.96 -35.19
C ALA B 353 -3.75 25.16 -35.97
N HIS B 354 -2.85 25.97 -36.55
CA HIS B 354 -3.26 27.19 -37.25
C HIS B 354 -4.14 26.90 -38.47
N ARG B 355 -3.88 25.80 -39.19
CA ARG B 355 -4.71 25.47 -40.34
C ARG B 355 -6.16 25.20 -39.94
N ALA B 356 -6.37 24.71 -38.72
CA ALA B 356 -7.69 24.33 -38.29
C ALA B 356 -8.57 25.51 -37.91
N LYS B 357 -8.00 26.70 -37.81
CA LYS B 357 -8.79 27.89 -37.57
C LYS B 357 -9.67 28.22 -38.77
N ASN B 358 -9.36 27.68 -39.94
CA ASN B 358 -10.07 28.03 -41.16
C ASN B 358 -11.20 27.07 -41.47
N ILE B 359 -11.80 26.43 -40.48
CA ILE B 359 -12.92 25.52 -40.71
C ILE B 359 -14.21 26.16 -40.15
N LEU B 360 -15.32 26.04 -40.88
CA LEU B 360 -16.66 26.48 -40.49
C LEU B 360 -17.56 25.30 -40.10
N ASN B 361 -18.33 25.41 -38.99
CA ASN B 361 -19.42 24.47 -38.61
C ASN B 361 -20.78 25.20 -38.83
N LYS B 362 -21.83 24.80 -38.14
CA LYS B 362 -23.19 25.42 -38.18
C LYS B 362 -23.89 25.11 -36.86
N PRO B 363 -23.96 26.12 -35.90
CA PRO B 363 -24.33 25.76 -34.51
C PRO B 363 -25.75 25.30 -34.36
N GLU B 364 -26.07 24.02 -34.23
CA GLU B 364 -27.46 23.57 -34.17
C GLU B 364 -28.29 24.23 -35.26
N LYS C 17 34.59 -1.45 -5.01
CA LYS C 17 35.39 -1.81 -3.83
C LYS C 17 35.57 -3.29 -3.69
N ASN C 18 36.35 -3.67 -2.69
CA ASN C 18 36.53 -5.03 -2.16
C ASN C 18 35.43 -5.56 -1.25
N ILE C 19 34.51 -4.75 -0.77
CA ILE C 19 33.37 -5.28 -0.06
C ILE C 19 32.28 -5.44 -1.10
N GLN C 20 31.77 -6.67 -1.24
CA GLN C 20 30.69 -6.98 -2.15
C GLN C 20 29.37 -7.15 -1.38
N VAL C 21 28.29 -6.58 -1.91
CA VAL C 21 26.96 -6.61 -1.27
C VAL C 21 25.95 -7.06 -2.30
N VAL C 22 25.32 -8.22 -2.07
CA VAL C 22 24.31 -8.75 -2.97
C VAL C 22 23.02 -9.01 -2.21
N VAL C 23 21.92 -9.13 -2.94
CA VAL C 23 20.62 -9.43 -2.37
C VAL C 23 20.09 -10.69 -3.02
N ARG C 24 19.50 -11.57 -2.21
CA ARG C 24 18.88 -12.78 -2.72
C ARG C 24 17.45 -12.83 -2.22
N CYS C 25 16.52 -12.96 -3.13
CA CYS C 25 15.10 -13.02 -2.82
C CYS C 25 14.60 -14.45 -2.96
N ARG C 26 13.91 -14.91 -1.98
CA ARG C 26 13.40 -16.27 -2.04
C ARG C 26 12.00 -16.30 -2.65
N PRO C 27 11.55 -17.45 -3.13
CA PRO C 27 10.14 -17.60 -3.52
C PRO C 27 9.22 -17.60 -2.30
N PHE C 28 7.91 -17.54 -2.59
CA PHE C 28 6.88 -17.68 -1.55
C PHE C 28 7.04 -19.00 -0.82
N ASN C 29 6.91 -18.97 0.51
CA ASN C 29 6.95 -20.22 1.28
C ASN C 29 5.54 -20.76 1.44
N LEU C 30 5.36 -21.81 2.23
CA LEU C 30 4.08 -22.48 2.23
C LEU C 30 3.02 -21.62 2.93
N ALA C 31 3.36 -21.05 4.09
CA ALA C 31 2.48 -20.14 4.80
C ALA C 31 2.00 -19.00 3.92
N GLU C 32 2.90 -18.45 3.12
CA GLU C 32 2.51 -17.25 2.36
C GLU C 32 1.45 -17.58 1.32
N ARG C 33 1.59 -18.70 0.61
CA ARG C 33 0.56 -19.08 -0.35
C ARG C 33 -0.75 -19.36 0.34
N LYS C 34 -0.70 -20.03 1.49
CA LYS C 34 -1.92 -20.33 2.23
C LYS C 34 -2.67 -19.06 2.58
N ALA C 35 -1.95 -18.01 2.97
CA ALA C 35 -2.49 -16.71 3.30
C ALA C 35 -2.76 -15.87 2.07
N SER C 36 -2.62 -16.47 0.86
CA SER C 36 -2.85 -15.78 -0.42
C SER C 36 -2.07 -14.47 -0.49
N ALA C 37 -0.82 -14.52 -0.06
CA ALA C 37 0.00 -13.31 -0.03
C ALA C 37 0.23 -12.75 -1.42
N HIS C 38 0.34 -11.42 -1.49
CA HIS C 38 0.76 -10.68 -2.66
C HIS C 38 2.24 -10.34 -2.55
N SER C 39 2.91 -10.27 -3.69
CA SER C 39 4.31 -9.86 -3.75
C SER C 39 4.43 -8.35 -3.74
N ILE C 40 5.48 -7.84 -3.10
CA ILE C 40 5.79 -6.42 -3.11
C ILE C 40 7.25 -6.18 -3.50
N VAL C 41 7.89 -7.20 -4.08
CA VAL C 41 9.29 -7.13 -4.46
C VAL C 41 9.45 -7.39 -5.96
N GLU C 42 10.27 -6.58 -6.62
CA GLU C 42 10.73 -6.82 -7.98
C GLU C 42 12.25 -6.87 -8.01
N CYS C 43 12.80 -8.02 -8.41
CA CYS C 43 14.22 -8.33 -8.40
C CYS C 43 14.74 -8.39 -9.84
N ASP C 44 15.57 -7.41 -10.21
CA ASP C 44 16.09 -7.29 -11.58
C ASP C 44 17.58 -7.61 -11.65
N PRO C 45 17.97 -8.81 -12.05
CA PRO C 45 19.41 -9.15 -12.05
C PRO C 45 20.23 -8.31 -13.00
N VAL C 46 19.68 -8.02 -14.18
CA VAL C 46 20.39 -7.26 -15.21
C VAL C 46 20.78 -5.88 -14.70
N ARG C 47 19.82 -5.11 -14.18
CA ARG C 47 20.18 -3.80 -13.67
C ARG C 47 20.68 -3.85 -12.25
N LYS C 48 20.75 -5.05 -11.64
CA LYS C 48 21.22 -5.24 -10.26
C LYS C 48 20.34 -4.41 -9.32
N GLU C 49 19.02 -4.49 -9.53
CA GLU C 49 18.04 -3.64 -8.86
C GLU C 49 17.01 -4.46 -8.10
N VAL C 50 16.64 -3.97 -6.92
CA VAL C 50 15.48 -4.45 -6.18
C VAL C 50 14.53 -3.29 -5.98
N SER C 51 13.28 -3.47 -6.38
CA SER C 51 12.26 -2.43 -6.28
C SER C 51 11.14 -2.91 -5.37
N VAL C 52 10.79 -2.09 -4.38
CA VAL C 52 9.82 -2.46 -3.35
C VAL C 52 8.57 -1.60 -3.46
N ARG C 53 7.43 -2.25 -3.53
CA ARG C 53 6.14 -1.57 -3.62
C ARG C 53 5.66 -1.20 -2.21
N THR C 54 5.60 0.09 -1.89
CA THR C 54 5.41 0.53 -0.52
C THR C 54 4.04 1.11 -0.17
N GLY C 55 3.15 1.37 -1.11
CA GLY C 55 1.93 2.06 -0.73
C GLY C 55 0.70 1.23 -0.35
N GLY C 56 0.79 -0.08 -0.27
CA GLY C 56 -0.36 -0.85 0.14
C GLY C 56 -1.57 -0.63 -0.74
N LEU C 57 -2.75 -0.55 -0.11
CA LEU C 57 -4.00 -0.23 -0.80
C LEU C 57 -4.19 1.26 -0.96
N ALA C 58 -3.36 2.07 -0.33
CA ALA C 58 -3.59 3.51 -0.32
C ALA C 58 -3.04 4.15 -1.57
N ASP C 59 -1.88 3.70 -2.00
CA ASP C 59 -1.17 4.23 -3.16
C ASP C 59 -0.57 3.06 -3.91
N LYS C 60 -1.24 2.60 -4.97
CA LYS C 60 -0.69 1.43 -5.67
C LYS C 60 0.56 1.73 -6.50
N SER C 61 1.01 2.99 -6.59
CA SER C 61 2.08 3.34 -7.53
C SER C 61 3.41 3.63 -6.87
N SER C 62 3.48 3.80 -5.55
CA SER C 62 4.73 4.18 -4.93
C SER C 62 5.71 3.02 -4.96
N ARG C 63 7.01 3.32 -5.15
CA ARG C 63 8.05 2.32 -5.02
C ARG C 63 9.24 2.95 -4.29
N LYS C 64 10.15 2.11 -3.81
CA LYS C 64 11.51 2.46 -3.41
C LYS C 64 12.48 1.49 -4.07
N THR C 65 13.54 2.02 -4.71
CA THR C 65 14.47 1.21 -5.50
C THR C 65 15.88 1.25 -4.93
N TYR C 66 16.54 0.08 -4.83
CA TYR C 66 17.91 -0.02 -4.35
C TYR C 66 18.73 -0.83 -5.32
N THR C 67 19.99 -0.44 -5.48
CA THR C 67 20.93 -1.10 -6.36
C THR C 67 22.07 -1.74 -5.57
N PHE C 68 22.46 -2.94 -5.98
CA PHE C 68 23.47 -3.68 -5.25
C PHE C 68 24.52 -4.16 -6.24
N ASP C 69 25.57 -4.79 -5.71
CA ASP C 69 26.59 -5.34 -6.60
C ASP C 69 26.01 -6.46 -7.44
N MET C 70 25.06 -7.20 -6.88
CA MET C 70 24.28 -8.18 -7.62
C MET C 70 22.95 -8.36 -6.93
N VAL C 71 21.99 -8.93 -7.68
CA VAL C 71 20.65 -9.21 -7.19
C VAL C 71 20.23 -10.57 -7.74
N PHE C 72 19.78 -11.47 -6.87
CA PHE C 72 19.31 -12.79 -7.28
C PHE C 72 17.83 -12.90 -7.03
N GLY C 73 17.06 -13.18 -8.07
CA GLY C 73 15.64 -13.36 -7.94
C GLY C 73 15.26 -14.74 -7.46
N ALA C 74 13.94 -14.93 -7.31
CA ALA C 74 13.39 -16.11 -6.65
C ALA C 74 13.73 -17.41 -7.37
N SER C 75 14.10 -17.35 -8.66
CA SER C 75 14.39 -18.53 -9.48
CA SER C 75 14.36 -18.58 -9.40
C SER C 75 15.82 -19.03 -9.32
N THR C 76 16.75 -18.12 -8.99
CA THR C 76 18.17 -18.35 -8.82
C THR C 76 18.52 -19.72 -8.25
N LYS C 77 19.45 -20.41 -8.91
CA LYS C 77 19.93 -21.71 -8.48
C LYS C 77 21.11 -21.59 -7.53
N GLN C 78 21.28 -22.60 -6.65
CA GLN C 78 22.39 -22.61 -5.71
C GLN C 78 23.75 -22.43 -6.41
N ILE C 79 23.94 -23.07 -7.57
CA ILE C 79 25.22 -22.99 -8.26
C ILE C 79 25.59 -21.57 -8.69
N ASP C 80 24.62 -20.74 -9.02
CA ASP C 80 24.98 -19.39 -9.49
C ASP C 80 25.50 -18.51 -8.36
N VAL C 81 24.93 -18.60 -7.15
CA VAL C 81 25.49 -17.84 -6.04
C VAL C 81 26.93 -18.32 -5.74
N TYR C 82 27.15 -19.64 -5.74
CA TYR C 82 28.50 -20.14 -5.51
C TYR C 82 29.44 -19.60 -6.58
N ARG C 83 29.06 -19.80 -7.86
CA ARG C 83 29.87 -19.40 -9.01
C ARG C 83 30.12 -17.90 -8.97
N SER C 84 29.09 -17.14 -8.62
CA SER C 84 29.19 -15.69 -8.68
C SER C 84 29.87 -15.08 -7.45
N VAL C 85 29.72 -15.69 -6.26
CA VAL C 85 30.14 -15.07 -5.01
C VAL C 85 31.32 -15.78 -4.37
N VAL C 86 31.37 -17.12 -4.43
CA VAL C 86 32.36 -17.85 -3.67
C VAL C 86 33.67 -18.01 -4.46
N CYS C 87 33.57 -18.33 -5.75
CA CYS C 87 34.75 -18.56 -6.58
C CYS C 87 35.75 -17.41 -6.60
N PRO C 88 35.38 -16.16 -6.86
CA PRO C 88 36.38 -15.08 -6.73
C PRO C 88 37.04 -15.04 -5.36
N ILE C 89 36.27 -15.33 -4.31
CA ILE C 89 36.78 -15.29 -2.94
C ILE C 89 37.61 -16.54 -2.61
N LEU C 90 37.19 -17.73 -3.07
CA LEU C 90 38.05 -18.90 -2.89
C LEU C 90 39.43 -18.69 -3.49
N ASP C 91 39.49 -18.00 -4.63
CA ASP C 91 40.77 -17.77 -5.30
C ASP C 91 41.71 -16.95 -4.42
N GLU C 92 41.21 -15.95 -3.73
CA GLU C 92 42.09 -15.20 -2.86
C GLU C 92 42.43 -15.98 -1.58
N VAL C 93 41.64 -16.98 -1.24
CA VAL C 93 41.99 -17.85 -0.11
C VAL C 93 43.19 -18.71 -0.48
N ILE C 94 43.18 -19.33 -1.66
CA ILE C 94 44.35 -20.12 -2.04
C ILE C 94 45.57 -19.23 -2.18
N MET C 95 45.37 -17.96 -2.53
CA MET C 95 46.54 -17.10 -2.50
C MET C 95 46.97 -16.72 -1.09
N GLY C 96 46.25 -17.10 -0.04
CA GLY C 96 46.72 -16.86 1.31
C GLY C 96 46.19 -15.64 2.03
N TYR C 97 45.00 -15.14 1.70
CA TYR C 97 44.42 -14.02 2.45
C TYR C 97 43.23 -14.51 3.30
N ASN C 98 42.69 -13.61 4.13
CA ASN C 98 41.56 -13.96 5.01
C ASN C 98 40.26 -13.33 4.52
N CYS C 99 39.24 -14.16 4.33
CA CYS C 99 38.00 -13.71 3.69
C CYS C 99 36.78 -14.18 4.44
N THR C 100 35.76 -13.33 4.43
CA THR C 100 34.51 -13.57 5.13
C THR C 100 33.33 -13.35 4.20
N ILE C 101 32.36 -14.25 4.29
CA ILE C 101 31.07 -14.11 3.64
C ILE C 101 30.01 -14.20 4.73
N PHE C 102 29.10 -13.22 4.77
CA PHE C 102 28.03 -13.20 5.74
C PHE C 102 26.68 -13.44 5.06
N ALA C 103 25.77 -14.13 5.77
CA ALA C 103 24.35 -14.19 5.39
C ALA C 103 23.59 -13.34 6.40
N TYR C 104 22.81 -12.37 5.91
CA TYR C 104 22.10 -11.40 6.76
C TYR C 104 20.62 -11.30 6.35
N GLY C 105 19.72 -11.31 7.33
CA GLY C 105 18.30 -11.09 7.04
C GLY C 105 17.41 -11.62 8.14
N GLN C 106 16.10 -11.49 7.92
CA GLN C 106 15.14 -11.93 8.93
C GLN C 106 14.95 -13.45 8.89
N THR C 107 14.45 -13.99 10.00
CA THR C 107 14.19 -15.42 10.12
C THR C 107 13.25 -15.89 9.03
N GLY C 108 13.58 -17.00 8.38
CA GLY C 108 12.74 -17.60 7.37
C GLY C 108 12.96 -17.13 5.95
N THR C 109 13.92 -16.23 5.72
CA THR C 109 14.20 -15.67 4.42
C THR C 109 15.33 -16.37 3.67
N GLY C 110 15.94 -17.40 4.23
CA GLY C 110 16.88 -18.22 3.51
C GLY C 110 18.35 -18.06 3.86
N LYS C 111 18.69 -17.53 5.04
CA LYS C 111 20.07 -17.47 5.48
C LYS C 111 20.71 -18.86 5.52
N THR C 112 20.09 -19.79 6.26
CA THR C 112 20.72 -21.11 6.38
C THR C 112 20.67 -21.88 5.05
N PHE C 113 19.60 -21.73 4.29
CA PHE C 113 19.54 -22.34 2.96
C PHE C 113 20.70 -21.82 2.09
N THR C 114 21.06 -20.55 2.22
CA THR C 114 22.12 -20.03 1.37
C THR C 114 23.48 -20.56 1.80
N MET C 115 23.79 -20.51 3.11
CA MET C 115 25.09 -20.95 3.60
C MET C 115 25.22 -22.46 3.61
N GLU C 116 24.14 -23.18 3.82
CA GLU C 116 24.28 -24.62 3.92
C GLU C 116 23.51 -25.36 2.84
N GLY C 117 22.22 -25.00 2.64
CA GLY C 117 21.41 -25.66 1.62
C GLY C 117 20.80 -26.92 2.19
N GLU C 118 20.27 -27.73 1.28
CA GLU C 118 19.56 -28.96 1.63
C GLU C 118 19.87 -30.07 0.62
N ARG C 119 19.41 -31.27 0.94
CA ARG C 119 19.55 -32.46 0.10
C ARG C 119 18.28 -32.72 -0.73
N SER C 120 18.48 -33.05 -2.01
CA SER C 120 17.33 -33.29 -2.90
C SER C 120 16.51 -34.50 -2.46
N PRO C 121 15.18 -34.42 -2.51
CA PRO C 121 14.34 -35.53 -2.03
C PRO C 121 14.43 -36.78 -2.90
N ASN C 122 14.58 -36.64 -4.21
CA ASN C 122 14.93 -37.76 -5.08
C ASN C 122 16.42 -37.97 -4.86
N GLU C 123 16.78 -39.02 -4.14
CA GLU C 123 18.22 -39.22 -3.99
C GLU C 123 18.90 -39.40 -5.36
N GLU C 124 18.73 -38.44 -6.31
CA GLU C 124 19.42 -38.52 -7.59
C GLU C 124 20.89 -38.11 -7.49
N TYR C 125 21.30 -37.56 -6.38
CA TYR C 125 22.60 -36.94 -6.42
C TYR C 125 23.40 -37.38 -5.21
N THR C 126 24.71 -37.41 -5.44
CA THR C 126 25.63 -37.38 -4.33
C THR C 126 25.58 -36.01 -3.69
N TRP C 127 26.05 -35.96 -2.45
CA TRP C 127 26.15 -34.66 -1.79
C TRP C 127 27.18 -33.77 -2.49
N GLU C 128 28.18 -34.33 -3.18
CA GLU C 128 29.18 -33.49 -3.84
C GLU C 128 28.60 -32.72 -5.01
N GLU C 129 27.53 -33.19 -5.63
CA GLU C 129 26.85 -32.38 -6.62
C GLU C 129 25.33 -32.47 -6.61
N ASP C 130 24.74 -32.54 -5.41
CA ASP C 130 23.37 -32.19 -5.13
C ASP C 130 23.19 -30.71 -5.47
N PRO C 131 22.32 -30.39 -6.41
CA PRO C 131 22.16 -28.98 -6.82
C PRO C 131 21.53 -28.08 -5.77
N LEU C 132 20.98 -28.64 -4.69
CA LEU C 132 20.43 -27.86 -3.59
C LEU C 132 21.47 -27.50 -2.53
N ALA C 133 22.70 -27.99 -2.64
CA ALA C 133 23.72 -27.73 -1.65
C ALA C 133 24.10 -26.25 -1.63
N GLY C 134 24.38 -25.73 -0.44
CA GLY C 134 24.72 -24.34 -0.26
C GLY C 134 26.21 -24.10 -0.20
N ILE C 135 26.59 -22.95 0.34
CA ILE C 135 27.96 -22.48 0.18
C ILE C 135 28.96 -23.39 0.88
N ILE C 136 28.66 -23.81 2.10
CA ILE C 136 29.64 -24.52 2.92
C ILE C 136 30.05 -25.85 2.28
N PRO C 137 29.13 -26.81 2.02
CA PRO C 137 29.60 -28.11 1.46
C PRO C 137 30.25 -27.99 0.08
N ARG C 138 29.87 -26.99 -0.72
CA ARG C 138 30.54 -26.77 -2.01
C ARG C 138 31.93 -26.18 -1.87
N THR C 139 32.16 -25.37 -0.84
CA THR C 139 33.50 -24.87 -0.65
C THR C 139 34.43 -26.01 -0.27
N LEU C 140 33.95 -26.96 0.51
CA LEU C 140 34.80 -28.05 0.94
C LEU C 140 35.13 -28.99 -0.21
N HIS C 141 34.10 -29.40 -0.97
CA HIS C 141 34.35 -30.23 -2.15
C HIS C 141 35.35 -29.57 -3.10
N GLN C 142 35.23 -28.26 -3.30
CA GLN C 142 35.99 -27.57 -4.33
C GLN C 142 37.39 -27.16 -3.90
N ILE C 143 37.66 -27.06 -2.60
CA ILE C 143 39.02 -26.80 -2.14
C ILE C 143 39.90 -28.00 -2.42
N PHE C 144 39.40 -29.21 -2.19
CA PHE C 144 40.19 -30.40 -2.48
C PHE C 144 40.46 -30.55 -3.96
N GLU C 145 39.48 -30.16 -4.80
CA GLU C 145 39.67 -30.21 -6.24
C GLU C 145 40.78 -29.30 -6.73
N LYS C 146 40.70 -28.03 -6.37
CA LYS C 146 41.65 -27.05 -6.89
C LYS C 146 43.06 -27.31 -6.38
N LEU C 147 43.21 -27.70 -5.13
CA LEU C 147 44.55 -27.83 -4.54
C LEU C 147 45.22 -29.15 -4.92
N THR C 148 44.43 -30.21 -5.17
CA THR C 148 44.99 -31.40 -5.80
C THR C 148 45.49 -31.07 -7.21
N ASP C 149 44.60 -30.58 -8.10
CA ASP C 149 45.04 -30.24 -9.47
C ASP C 149 45.78 -28.89 -9.50
N ASN C 150 46.53 -28.65 -8.43
CA ASN C 150 47.48 -27.57 -8.31
C ASN C 150 48.83 -28.17 -7.98
N GLY C 151 48.87 -29.43 -7.53
CA GLY C 151 50.10 -30.16 -7.29
C GLY C 151 50.81 -29.82 -5.99
N THR C 152 50.49 -28.70 -5.36
CA THR C 152 51.04 -28.31 -4.06
C THR C 152 50.57 -29.24 -2.95
N GLU C 153 51.36 -29.27 -1.87
CA GLU C 153 51.00 -30.01 -0.66
C GLU C 153 50.20 -29.06 0.23
N PHE C 154 49.09 -29.57 0.78
CA PHE C 154 48.13 -28.70 1.46
C PHE C 154 47.44 -29.44 2.60
N SER C 155 47.15 -28.70 3.67
CA SER C 155 46.36 -29.24 4.77
C SER C 155 45.10 -28.41 4.98
N VAL C 156 44.02 -29.10 5.29
CA VAL C 156 42.71 -28.47 5.52
C VAL C 156 42.24 -28.79 6.94
N LYS C 157 42.00 -27.75 7.75
CA LYS C 157 41.34 -27.96 9.03
C LYS C 157 40.13 -27.02 9.13
N VAL C 158 39.16 -27.46 9.91
CA VAL C 158 37.83 -26.85 10.00
C VAL C 158 37.44 -26.60 11.45
N SER C 159 36.80 -25.48 11.73
CA SER C 159 36.26 -25.25 13.08
C SER C 159 34.87 -24.61 13.00
N LEU C 160 34.10 -24.68 14.10
CA LEU C 160 32.70 -24.22 14.07
C LEU C 160 32.32 -23.70 15.45
N LEU C 161 32.32 -22.39 15.63
CA LEU C 161 31.85 -21.82 16.89
C LEU C 161 30.54 -21.04 16.69
N GLU C 162 29.77 -20.92 17.78
CA GLU C 162 28.50 -20.23 17.74
C GLU C 162 28.41 -19.32 18.95
N ILE C 163 27.75 -18.19 18.76
CA ILE C 163 27.56 -17.17 19.79
C ILE C 163 26.08 -17.13 20.16
N TYR C 164 25.80 -17.29 21.44
CA TYR C 164 24.44 -17.22 21.90
C TYR C 164 24.47 -16.48 23.23
N ASN C 165 23.69 -15.42 23.36
CA ASN C 165 23.62 -14.67 24.60
C ASN C 165 25.03 -14.22 25.01
N GLU C 166 25.82 -13.81 24.03
CA GLU C 166 27.21 -13.41 24.25
C GLU C 166 28.08 -14.47 24.95
N GLU C 167 27.74 -15.75 24.84
CA GLU C 167 28.55 -16.87 25.27
C GLU C 167 28.97 -17.63 24.02
N LEU C 168 30.08 -18.38 24.09
CA LEU C 168 30.64 -19.05 22.91
C LEU C 168 30.58 -20.57 23.03
N PHE C 169 30.12 -21.24 21.98
CA PHE C 169 29.96 -22.69 22.02
C PHE C 169 30.68 -23.32 20.84
N ASP C 170 31.22 -24.52 21.08
CA ASP C 170 32.01 -25.25 20.09
C ASP C 170 31.17 -26.39 19.57
N LEU C 171 30.70 -26.28 18.34
CA LEU C 171 29.78 -27.31 17.90
C LEU C 171 30.46 -28.52 17.33
N LEU C 172 31.79 -28.51 17.23
CA LEU C 172 32.54 -29.70 16.85
C LEU C 172 33.40 -30.25 17.98
N ASN C 173 33.23 -29.75 19.20
CA ASN C 173 34.11 -30.16 20.29
C ASN C 173 33.86 -31.63 20.65
N PRO C 174 34.92 -32.35 21.05
CA PRO C 174 34.73 -33.75 21.48
C PRO C 174 33.96 -33.90 22.77
N SER C 175 33.80 -32.84 23.56
CA SER C 175 33.00 -32.94 24.78
C SER C 175 31.56 -33.35 24.44
N SER C 176 30.97 -34.19 25.30
CA SER C 176 29.62 -34.61 25.00
C SER C 176 28.55 -33.61 25.46
N ASP C 177 28.91 -32.62 26.29
CA ASP C 177 27.99 -31.58 26.74
C ASP C 177 28.27 -30.30 25.97
N VAL C 178 27.34 -29.92 25.09
CA VAL C 178 27.50 -28.73 24.26
C VAL C 178 27.59 -27.45 25.08
N SER C 179 27.23 -27.50 26.36
CA SER C 179 27.12 -26.23 27.06
C SER C 179 28.47 -25.71 27.55
N GLU C 180 29.55 -26.49 27.39
CA GLU C 180 30.86 -26.03 27.84
C GLU C 180 31.38 -24.88 26.97
N ARG C 181 31.62 -23.74 27.60
CA ARG C 181 31.87 -22.47 26.95
C ARG C 181 33.36 -22.19 26.64
N LEU C 182 33.58 -21.51 25.51
CA LEU C 182 34.88 -21.05 25.09
C LEU C 182 35.17 -19.69 25.70
N GLN C 183 36.37 -19.17 25.47
CA GLN C 183 36.78 -17.89 26.03
C GLN C 183 37.72 -17.25 25.02
N MET C 184 37.82 -15.93 25.07
CA MET C 184 38.41 -15.15 23.98
C MET C 184 39.44 -14.14 24.49
N PHE C 185 40.63 -14.15 23.90
CA PHE C 185 41.72 -13.24 24.27
C PHE C 185 42.43 -12.76 23.00
N ASP C 186 42.84 -11.49 22.97
CA ASP C 186 43.58 -11.02 21.79
C ASP C 186 45.02 -11.53 21.75
N ASP C 187 45.46 -11.92 20.54
CA ASP C 187 46.74 -12.60 20.30
C ASP C 187 47.92 -11.64 20.38
N PRO C 188 48.87 -11.83 21.31
CA PRO C 188 50.06 -10.96 21.34
C PRO C 188 51.08 -11.27 20.26
N ARG C 189 50.81 -12.25 19.37
CA ARG C 189 51.63 -12.54 18.19
C ARG C 189 51.06 -11.91 16.92
N ASN C 190 49.85 -11.32 17.00
CA ASN C 190 49.13 -10.73 15.87
C ASN C 190 48.21 -9.66 16.45
N LYS C 191 48.46 -8.38 16.12
CA LYS C 191 47.73 -7.30 16.78
C LYS C 191 46.28 -7.24 16.35
N ARG C 192 45.93 -7.88 15.22
CA ARG C 192 44.56 -7.89 14.72
C ARG C 192 43.92 -9.27 14.78
N GLY C 193 44.39 -10.11 15.71
CA GLY C 193 43.82 -11.42 15.92
C GLY C 193 43.32 -11.54 17.35
N VAL C 194 42.64 -12.67 17.61
CA VAL C 194 42.29 -13.09 18.96
C VAL C 194 42.57 -14.58 19.01
N ILE C 195 42.73 -15.09 20.23
CA ILE C 195 42.87 -16.52 20.43
C ILE C 195 41.60 -17.04 21.07
N ILE C 196 41.06 -18.13 20.51
CA ILE C 196 39.87 -18.77 21.04
C ILE C 196 40.38 -19.99 21.79
N LYS C 197 40.51 -19.87 23.12
CA LYS C 197 41.03 -20.98 23.91
C LYS C 197 39.94 -22.05 24.08
N GLY C 198 40.26 -23.28 23.68
CA GLY C 198 39.39 -24.43 23.85
C GLY C 198 38.78 -24.95 22.56
N LEU C 199 38.94 -24.20 21.47
CA LEU C 199 38.24 -24.47 20.21
C LEU C 199 38.93 -25.60 19.46
N GLU C 200 38.17 -26.63 19.16
CA GLU C 200 38.70 -27.78 18.45
C GLU C 200 38.81 -27.48 16.94
N GLU C 201 39.91 -27.93 16.35
CA GLU C 201 40.11 -27.85 14.90
C GLU C 201 40.30 -29.26 14.35
N ILE C 202 39.45 -29.64 13.40
CA ILE C 202 39.38 -31.00 12.90
C ILE C 202 40.11 -31.02 11.58
N THR C 203 41.02 -31.97 11.43
CA THR C 203 41.78 -32.09 10.19
C THR C 203 40.98 -32.92 9.21
N VAL C 204 40.74 -32.36 8.03
CA VAL C 204 39.97 -32.98 6.95
C VAL C 204 40.97 -33.54 5.96
N HIS C 205 41.13 -34.86 5.96
CA HIS C 205 42.21 -35.44 5.17
C HIS C 205 41.88 -35.50 3.70
N ASN C 206 40.59 -35.51 3.36
CA ASN C 206 40.14 -35.73 2.00
C ASN C 206 38.66 -35.40 1.92
N LYS C 207 38.18 -35.30 0.67
CA LYS C 207 36.81 -34.87 0.43
C LYS C 207 35.81 -35.83 1.07
N ASP C 208 36.11 -37.12 1.16
CA ASP C 208 35.08 -38.03 1.63
C ASP C 208 34.82 -37.93 3.13
N GLU C 209 35.70 -37.27 3.88
CA GLU C 209 35.53 -37.09 5.32
C GLU C 209 34.61 -35.92 5.67
N VAL C 210 34.16 -35.12 4.69
CA VAL C 210 33.45 -33.87 4.95
C VAL C 210 32.08 -34.15 5.57
N TYR C 211 31.36 -35.15 5.06
CA TYR C 211 29.96 -35.30 5.43
C TYR C 211 29.79 -35.72 6.90
N GLN C 212 30.70 -36.52 7.45
CA GLN C 212 30.52 -36.92 8.86
C GLN C 212 30.94 -35.82 9.84
N ILE C 213 31.82 -34.90 9.41
CA ILE C 213 32.14 -33.74 10.22
C ILE C 213 30.96 -32.79 10.29
N LEU C 214 30.39 -32.47 9.12
CA LEU C 214 29.13 -31.74 9.08
C LEU C 214 28.06 -32.49 9.84
N GLU C 215 28.04 -33.82 9.73
CA GLU C 215 27.03 -34.59 10.47
C GLU C 215 27.18 -34.40 11.98
N LYS C 216 28.43 -34.35 12.49
CA LYS C 216 28.62 -34.20 13.93
C LYS C 216 28.15 -32.83 14.39
N GLY C 217 28.40 -31.81 13.58
CA GLY C 217 27.89 -30.50 13.91
C GLY C 217 26.37 -30.45 13.91
N ALA C 218 25.74 -31.24 13.04
CA ALA C 218 24.29 -31.24 12.95
C ALA C 218 23.66 -31.73 14.24
N ALA C 219 24.20 -32.81 14.82
CA ALA C 219 23.61 -33.36 16.03
C ALA C 219 23.83 -32.44 17.24
N LYS C 220 25.01 -31.84 17.34
CA LYS C 220 25.25 -30.94 18.46
C LYS C 220 24.34 -29.74 18.39
N ARG C 221 24.07 -29.26 17.18
CA ARG C 221 23.18 -28.12 17.00
C ARG C 221 21.78 -28.45 17.45
N THR C 222 21.36 -29.69 17.19
CA THR C 222 20.07 -30.18 17.65
C THR C 222 19.98 -30.18 19.16
N THR C 223 21.04 -30.63 19.83
CA THR C 223 21.02 -30.68 21.28
C THR C 223 21.04 -29.27 21.89
N ALA C 224 21.80 -28.34 21.31
CA ALA C 224 21.78 -26.97 21.80
C ALA C 224 20.39 -26.35 21.69
N ALA C 225 19.65 -26.69 20.63
CA ALA C 225 18.29 -26.16 20.45
C ALA C 225 17.33 -26.64 21.52
N THR C 226 17.48 -27.87 22.00
CA THR C 226 16.67 -28.33 23.12
C THR C 226 17.08 -27.71 24.45
N LEU C 227 18.26 -27.12 24.58
CA LEU C 227 18.72 -26.61 25.86
C LEU C 227 18.50 -25.12 26.04
N MET C 228 18.47 -24.35 24.96
CA MET C 228 18.45 -22.90 25.03
C MET C 228 17.36 -22.40 24.12
N ASN C 229 16.68 -21.32 24.54
CA ASN C 229 15.45 -20.87 23.90
C ASN C 229 15.73 -20.15 22.57
N ALA C 230 15.08 -20.62 21.51
CA ALA C 230 15.15 -19.99 20.18
C ALA C 230 16.57 -20.00 19.61
N TYR C 231 17.29 -21.10 19.83
CA TYR C 231 18.72 -21.16 19.54
C TYR C 231 19.03 -20.84 18.07
N SER C 232 18.33 -21.48 17.12
CA SER C 232 18.75 -21.40 15.73
CA SER C 232 18.73 -21.41 15.72
C SER C 232 18.50 -20.03 15.12
N SER C 233 17.52 -19.31 15.60
CA SER C 233 17.31 -17.95 15.10
C SER C 233 18.02 -16.91 15.95
N ARG C 234 18.55 -17.27 17.11
CA ARG C 234 19.27 -16.30 17.92
C ARG C 234 20.75 -16.58 18.08
N SER C 235 21.29 -17.61 17.42
CA SER C 235 22.74 -17.79 17.41
C SER C 235 23.35 -17.19 16.16
N HIS C 236 24.59 -16.72 16.30
CA HIS C 236 25.47 -16.44 15.17
C HIS C 236 26.36 -17.65 14.98
N SER C 237 26.63 -17.98 13.73
CA SER C 237 27.37 -19.19 13.43
C SER C 237 28.57 -18.80 12.58
N VAL C 238 29.76 -19.28 12.94
CA VAL C 238 31.01 -18.99 12.22
C VAL C 238 31.69 -20.31 11.88
N PHE C 239 31.52 -20.77 10.63
CA PHE C 239 32.20 -21.97 10.13
C PHE C 239 33.47 -21.53 9.42
N SER C 240 34.65 -21.85 9.96
CA SER C 240 35.95 -21.41 9.39
C SER C 240 36.73 -22.53 8.73
N VAL C 241 37.20 -22.28 7.51
CA VAL C 241 38.13 -23.16 6.83
C VAL C 241 39.50 -22.47 6.79
N THR C 242 40.52 -23.18 7.31
CA THR C 242 41.90 -22.76 7.16
C THR C 242 42.73 -23.76 6.34
N ILE C 243 43.55 -23.18 5.46
CA ILE C 243 44.37 -23.85 4.46
C ILE C 243 45.83 -23.55 4.76
N HIS C 244 46.64 -24.59 4.95
CA HIS C 244 48.08 -24.46 4.99
C HIS C 244 48.66 -25.05 3.70
N MET C 245 49.50 -24.27 3.00
CA MET C 245 50.07 -24.74 1.74
C MET C 245 51.60 -24.70 1.83
N LYS C 246 52.24 -25.77 1.35
CA LYS C 246 53.70 -25.92 1.41
C LYS C 246 54.26 -25.98 0.00
N GLU C 247 55.18 -25.05 -0.31
CA GLU C 247 56.06 -25.13 -1.47
C GLU C 247 57.51 -25.00 -1.01
N THR C 248 58.39 -25.84 -1.57
CA THR C 248 59.81 -25.79 -1.21
C THR C 248 60.61 -24.94 -2.20
N THR C 249 61.70 -24.39 -1.70
CA THR C 249 62.68 -23.66 -2.47
C THR C 249 63.65 -24.64 -3.13
N ILE C 250 64.37 -24.15 -4.14
CA ILE C 250 65.32 -25.03 -4.83
C ILE C 250 66.30 -25.64 -3.84
N ASP C 251 66.87 -24.81 -2.96
CA ASP C 251 67.71 -25.09 -1.82
C ASP C 251 67.00 -25.76 -0.71
N GLY C 252 65.75 -26.21 -0.74
CA GLY C 252 65.17 -26.94 0.38
C GLY C 252 64.43 -26.12 1.44
N GLU C 253 64.51 -24.79 1.41
CA GLU C 253 63.87 -23.97 2.43
C GLU C 253 62.36 -24.11 2.32
N GLU C 254 61.72 -24.58 3.40
CA GLU C 254 60.27 -24.74 3.43
C GLU C 254 59.60 -23.41 3.77
N LEU C 255 58.49 -23.13 3.09
CA LEU C 255 57.76 -21.86 3.25
C LEU C 255 56.27 -22.14 3.17
N VAL C 256 55.52 -21.65 4.16
CA VAL C 256 54.11 -22.00 4.34
C VAL C 256 53.22 -20.75 4.29
N LYS C 257 52.35 -20.71 3.26
CA LYS C 257 51.30 -19.70 3.10
C LYS C 257 50.03 -20.26 3.74
N ILE C 258 49.20 -19.37 4.29
CA ILE C 258 48.00 -19.79 5.04
C ILE C 258 46.78 -19.00 4.57
N GLY C 259 45.74 -19.73 4.13
CA GLY C 259 44.46 -19.15 3.79
C GLY C 259 43.37 -19.52 4.80
N LYS C 260 42.45 -18.59 5.04
CA LYS C 260 41.39 -18.85 5.99
C LYS C 260 40.09 -18.19 5.50
N LEU C 261 39.00 -18.97 5.52
CA LEU C 261 37.70 -18.51 5.04
C LEU C 261 36.63 -18.68 6.13
N ASN C 262 35.99 -17.57 6.48
CA ASN C 262 34.92 -17.53 7.48
C ASN C 262 33.56 -17.46 6.79
N LEU C 263 32.71 -18.46 7.05
CA LEU C 263 31.38 -18.54 6.48
C LEU C 263 30.36 -18.36 7.61
N VAL C 264 29.78 -17.16 7.71
CA VAL C 264 29.01 -16.70 8.87
C VAL C 264 27.50 -16.74 8.56
N ASP C 265 26.73 -17.26 9.51
CA ASP C 265 25.28 -17.38 9.41
C ASP C 265 24.73 -16.60 10.63
N LEU C 266 24.36 -15.34 10.39
CA LEU C 266 24.07 -14.42 11.47
C LEU C 266 22.71 -14.75 12.12
N ALA C 267 22.48 -14.14 13.28
CA ALA C 267 21.18 -14.28 13.90
C ALA C 267 20.15 -13.45 13.12
N GLY C 268 18.86 -13.77 13.31
CA GLY C 268 17.81 -13.06 12.60
C GLY C 268 17.84 -11.56 12.90
N SER C 269 17.68 -10.77 11.85
CA SER C 269 17.81 -9.32 12.00
C SER C 269 16.54 -8.63 12.48
N GLU C 270 15.42 -9.32 12.63
CA GLU C 270 14.17 -8.69 13.05
C GLU C 270 14.20 -8.27 14.52
N ASN C 271 13.19 -7.50 14.93
CA ASN C 271 12.98 -7.15 16.34
C ASN C 271 12.48 -8.35 17.18
N ASN C 289 21.22 -10.37 19.02
CA ASN C 289 20.64 -9.07 18.68
C ASN C 289 21.68 -8.03 18.96
N GLN C 290 22.40 -8.26 20.08
CA GLN C 290 23.45 -7.35 20.52
C GLN C 290 24.65 -7.33 19.57
N SER C 291 25.08 -8.50 19.11
CA SER C 291 26.27 -8.57 18.28
C SER C 291 26.06 -7.84 16.95
N LEU C 292 24.85 -7.91 16.41
CA LEU C 292 24.52 -7.34 15.10
C LEU C 292 24.77 -5.83 15.03
N LEU C 293 24.70 -5.15 16.18
CA LEU C 293 24.82 -3.70 16.30
C LEU C 293 26.08 -3.11 15.68
N THR C 294 27.20 -3.47 16.29
CA THR C 294 28.51 -3.00 15.87
C THR C 294 28.83 -3.33 14.41
N LEU C 295 28.40 -4.50 13.93
CA LEU C 295 28.93 -5.07 12.68
C LEU C 295 28.71 -4.15 11.49
N GLY C 296 27.58 -3.45 11.42
CA GLY C 296 27.36 -2.56 10.29
C GLY C 296 28.33 -1.38 10.28
N ARG C 297 28.45 -0.69 11.41
CA ARG C 297 29.45 0.37 11.52
C ARG C 297 30.82 -0.11 11.06
N VAL C 298 31.17 -1.35 11.39
CA VAL C 298 32.49 -1.85 11.05
C VAL C 298 32.71 -1.87 9.54
N ILE C 299 31.71 -2.29 8.76
CA ILE C 299 31.90 -2.37 7.31
C ILE C 299 31.98 -0.97 6.70
N THR C 300 31.04 -0.10 7.07
CA THR C 300 30.94 1.23 6.46
C THR C 300 32.28 1.95 6.43
N ALA C 301 33.12 1.77 7.45
CA ALA C 301 34.42 2.42 7.46
C ALA C 301 35.26 1.90 6.30
N LEU C 302 35.06 2.52 5.12
CA LEU C 302 35.69 2.23 3.81
C LEU C 302 35.34 3.29 2.77
N VAL C 309 37.76 2.08 12.69
CA VAL C 309 36.96 0.86 12.51
C VAL C 309 36.78 0.13 13.85
N PRO C 310 35.51 0.03 14.29
CA PRO C 310 35.18 -0.33 15.68
C PRO C 310 35.02 -1.83 15.94
N TYR C 311 36.04 -2.61 15.57
CA TYR C 311 36.00 -4.05 15.81
C TYR C 311 35.75 -4.40 17.27
N ARG C 312 36.30 -3.63 18.21
CA ARG C 312 36.37 -4.03 19.61
C ARG C 312 35.02 -4.02 20.34
N GLU C 313 33.96 -3.48 19.77
CA GLU C 313 32.76 -3.24 20.55
C GLU C 313 31.76 -4.41 20.55
N SER C 314 32.10 -5.55 19.94
CA SER C 314 31.26 -6.74 20.03
C SER C 314 32.11 -7.97 19.81
N LYS C 315 31.62 -9.10 20.33
CA LYS C 315 32.38 -10.34 20.20
C LYS C 315 32.47 -10.78 18.75
N LEU C 316 31.41 -10.56 17.96
CA LEU C 316 31.42 -11.00 16.58
C LEU C 316 32.51 -10.30 15.79
N THR C 317 32.64 -8.98 15.97
CA THR C 317 33.63 -8.21 15.23
C THR C 317 35.05 -8.42 15.76
N ARG C 318 35.22 -8.69 17.06
CA ARG C 318 36.55 -9.01 17.58
C ARG C 318 37.09 -10.27 16.92
N ILE C 319 36.23 -11.29 16.80
CA ILE C 319 36.61 -12.56 16.19
C ILE C 319 36.98 -12.38 14.73
N LEU C 320 36.18 -11.61 14.01
CA LEU C 320 36.30 -11.52 12.57
C LEU C 320 37.23 -10.38 12.10
N GLN C 321 37.99 -9.79 13.02
CA GLN C 321 38.80 -8.62 12.66
C GLN C 321 39.98 -9.02 11.80
N ASP C 322 40.58 -10.16 12.11
CA ASP C 322 41.63 -10.74 11.29
C ASP C 322 41.18 -11.06 9.87
N SER C 323 39.86 -11.12 9.61
CA SER C 323 39.30 -11.39 8.29
C SER C 323 38.76 -10.17 7.56
N LEU C 324 38.83 -8.99 8.16
CA LEU C 324 38.35 -7.77 7.52
C LEU C 324 39.55 -6.80 7.34
N GLY C 325 39.29 -5.50 7.37
CA GLY C 325 40.35 -4.50 7.34
C GLY C 325 40.75 -3.81 6.04
N GLY C 326 39.86 -3.74 5.06
CA GLY C 326 40.13 -2.94 3.86
C GLY C 326 41.30 -3.38 2.99
N ARG C 327 41.47 -4.71 2.85
CA ARG C 327 42.59 -5.31 2.12
C ARG C 327 42.31 -6.79 1.84
N THR C 328 41.05 -7.10 1.48
CA THR C 328 40.58 -8.47 1.23
C THR C 328 39.17 -8.43 0.68
N ARG C 329 38.74 -9.55 0.11
CA ARG C 329 37.36 -9.68 -0.32
C ARG C 329 36.50 -9.95 0.89
N THR C 330 35.45 -9.15 1.07
CA THR C 330 34.43 -9.39 2.06
C THR C 330 33.11 -9.35 1.31
N SER C 331 32.21 -10.28 1.60
CA SER C 331 30.97 -10.28 0.85
C SER C 331 29.75 -10.60 1.72
N ILE C 332 28.72 -9.78 1.57
CA ILE C 332 27.46 -9.89 2.31
C ILE C 332 26.34 -10.33 1.36
N ILE C 333 25.64 -11.39 1.75
CA ILE C 333 24.43 -11.81 1.06
C ILE C 333 23.25 -11.46 1.95
N ALA C 334 22.41 -10.56 1.46
CA ALA C 334 21.20 -10.11 2.14
C ALA C 334 20.00 -10.89 1.61
N THR C 335 19.27 -11.55 2.51
CA THR C 335 18.12 -12.36 2.11
C THR C 335 16.83 -11.62 2.49
N ILE C 336 15.81 -11.72 1.65
CA ILE C 336 14.55 -11.04 1.90
C ILE C 336 13.41 -11.95 1.44
N SER C 337 12.21 -11.61 1.89
CA SER C 337 10.92 -12.23 1.62
C SER C 337 10.14 -11.39 0.61
N PRO C 338 9.40 -12.02 -0.30
CA PRO C 338 8.55 -11.24 -1.22
C PRO C 338 7.22 -10.78 -0.62
N ALA C 339 6.81 -11.30 0.53
CA ALA C 339 5.42 -11.15 1.00
C ALA C 339 5.11 -9.74 1.53
N SER C 340 3.86 -9.32 1.31
CA SER C 340 3.41 -8.01 1.74
C SER C 340 3.43 -7.90 3.26
N LEU C 341 3.12 -9.02 3.94
CA LEU C 341 3.15 -9.05 5.39
C LEU C 341 4.48 -8.59 5.94
N ASN C 342 5.56 -8.86 5.23
CA ASN C 342 6.89 -8.61 5.74
C ASN C 342 7.45 -7.27 5.30
N LEU C 343 6.59 -6.37 4.82
CA LEU C 343 7.06 -5.10 4.26
C LEU C 343 8.10 -4.42 5.16
N GLU C 344 7.79 -4.21 6.44
CA GLU C 344 8.65 -3.41 7.31
C GLU C 344 10.01 -4.08 7.56
N GLU C 345 10.04 -5.41 7.65
CA GLU C 345 11.33 -6.05 7.85
C GLU C 345 12.14 -6.12 6.55
N THR C 346 11.49 -6.29 5.40
CA THR C 346 12.20 -6.23 4.13
C THR C 346 12.81 -4.85 3.93
N LEU C 347 12.08 -3.80 4.28
CA LEU C 347 12.66 -2.48 4.15
C LEU C 347 13.87 -2.33 5.05
N SER C 348 13.81 -2.88 6.26
CA SER C 348 14.93 -2.75 7.18
C SER C 348 16.19 -3.37 6.61
N THR C 349 16.06 -4.55 6.00
CA THR C 349 17.23 -5.20 5.43
C THR C 349 17.80 -4.40 4.28
N LEU C 350 16.96 -4.00 3.32
CA LEU C 350 17.48 -3.29 2.16
C LEU C 350 18.21 -2.04 2.61
N GLU C 351 17.68 -1.38 3.64
CA GLU C 351 18.33 -0.18 4.18
C GLU C 351 19.65 -0.50 4.86
N TYR C 352 19.70 -1.63 5.58
CA TYR C 352 20.97 -2.10 6.15
C TYR C 352 22.02 -2.33 5.06
N ALA C 353 21.65 -3.09 4.03
CA ALA C 353 22.63 -3.41 3.00
C ALA C 353 23.11 -2.15 2.31
N HIS C 354 22.18 -1.25 1.97
CA HIS C 354 22.58 -0.04 1.26
C HIS C 354 23.52 0.80 2.11
N ARG C 355 23.35 0.78 3.44
CA ARG C 355 24.24 1.47 4.35
C ARG C 355 25.64 0.85 4.32
N ALA C 356 25.78 -0.39 3.85
CA ALA C 356 27.10 -0.99 3.70
C ALA C 356 27.80 -0.35 2.50
N LYS C 357 27.90 -1.05 1.38
CA LYS C 357 28.33 -0.41 0.14
C LYS C 357 27.16 0.40 -0.43
N ASN C 358 27.32 1.72 -0.52
CA ASN C 358 26.24 2.60 -0.99
C ASN C 358 26.34 2.73 -2.50
N ILE C 359 25.35 2.22 -3.20
CA ILE C 359 25.29 2.30 -4.65
C ILE C 359 24.24 3.33 -5.02
N LEU C 360 24.53 4.14 -6.03
CA LEU C 360 23.60 5.11 -6.57
C LEU C 360 22.91 4.43 -7.74
N ASN C 361 21.62 4.77 -7.96
CA ASN C 361 20.87 4.06 -8.98
C ASN C 361 21.00 4.71 -10.36
N LYS C 362 20.52 3.98 -11.37
CA LYS C 362 20.66 4.40 -12.76
C LYS C 362 19.28 4.36 -13.42
N PRO C 363 18.90 5.43 -14.16
CA PRO C 363 17.57 5.79 -14.69
C PRO C 363 16.88 4.79 -15.64
PB ADP D . -14.32 -10.12 24.43
O1B ADP D . -12.88 -10.54 24.61
O2B ADP D . -14.77 -9.10 25.45
O3B ADP D . -14.73 -9.87 23.00
PA ADP D . -16.24 -12.17 24.01
O1A ADP D . -15.63 -13.13 23.02
O2A ADP D . -17.30 -11.21 23.51
O3A ADP D . -15.12 -11.42 24.88
O5' ADP D . -16.89 -13.10 25.17
C5' ADP D . -16.11 -14.21 25.60
C4' ADP D . -16.99 -15.41 25.87
O4' ADP D . -17.90 -15.07 26.93
C3' ADP D . -17.80 -15.82 24.64
O3' ADP D . -17.55 -17.20 24.30
C2' ADP D . -19.25 -15.66 25.05
O2' ADP D . -19.99 -16.87 24.80
C1' ADP D . -19.24 -15.44 26.56
N9 ADP D . -20.15 -14.32 26.88
C8 ADP D . -19.78 -13.04 26.79
N7 ADP D . -20.79 -12.21 27.12
C5 ADP D . -21.82 -12.98 27.44
C6 ADP D . -23.17 -12.70 27.88
N6 ADP D . -23.49 -11.38 28.02
N1 ADP D . -24.00 -13.75 28.11
C2 ADP D . -23.58 -15.03 27.94
N3 ADP D . -22.35 -15.35 27.55
C4 ADP D . -21.43 -14.38 27.29
MG MG E . -12.43 -9.82 21.38
C10 GCE F . -19.67 -10.12 11.78
C13 GCE F . -17.86 -8.10 11.23
C14 GCE F . -17.71 -9.35 10.68
C18 GCE F . -21.07 -13.65 14.43
C26 GCE F . -25.13 -14.55 14.82
C19 GCE F . -19.55 -13.52 14.19
C20 GCE F . -18.77 -14.06 15.39
C22 GCE F . -23.42 -13.49 13.49
C23 GCE F . -24.40 -13.15 12.57
C24 GCE F . -25.74 -13.50 12.79
C29 GCE F . -20.01 -17.67 10.68
C01 GCE F . -20.22 -14.64 9.28
C03 GCE F . -21.42 -15.05 11.51
C06 GCE F . -21.94 -13.07 13.27
C08 GCE F . -20.65 -11.27 12.05
C11 GCE F . -19.84 -8.86 12.35
C12 GCE F . -18.93 -7.85 12.06
C15 GCE F . -18.61 -10.38 10.94
C25 GCE F . -26.11 -14.21 13.92
C27 GCE F . -23.79 -14.20 14.62
F16 GCE F . -16.65 -9.53 9.85
F17 GCE F . -20.89 -8.58 13.18
N02 GCE F . -20.86 -15.53 10.23
N05 GCE F . -21.37 -13.65 11.89
N09 GCE F . -20.75 -12.47 11.11
N21 GCE F . -18.92 -13.16 16.52
O04 GCE F . -21.94 -15.79 12.27
O28 GCE F . -20.96 -16.92 9.94
S07 GCE F . -21.79 -11.45 13.16
PB ADP G . 0.96 14.84 -22.30
O1B ADP G . 0.93 16.04 -23.20
O2B ADP G . -0.38 14.32 -21.85
O3B ADP G . 1.87 13.79 -22.86
PA ADP G . 1.20 15.51 -19.44
O1A ADP G . 0.03 16.45 -19.28
O2A ADP G . 1.08 14.13 -18.81
O3A ADP G . 1.74 15.39 -20.98
O5' ADP G . 2.43 16.29 -18.73
C5' ADP G . 3.80 15.87 -18.76
C4' ADP G . 4.39 16.40 -17.46
O4' ADP G . 4.60 17.81 -17.55
C3' ADP G . 3.42 16.15 -16.29
O3' ADP G . 4.16 15.69 -15.15
C2' ADP G . 2.85 17.51 -15.99
O2' ADP G . 2.58 17.72 -14.60
C1' ADP G . 3.91 18.48 -16.49
N9 ADP G . 3.22 19.65 -17.05
C8 ADP G . 2.61 19.66 -18.25
N7 ADP G . 2.04 20.86 -18.49
C5 ADP G . 2.29 21.66 -17.42
C6 ADP G . 1.96 23.05 -17.06
N6 ADP G . 1.23 23.85 -17.93
N1 ADP G . 2.40 23.48 -15.84
C2 ADP G . 3.10 22.68 -14.99
N3 ADP G . 3.44 21.40 -15.26
C4 ADP G . 3.06 20.85 -16.46
MG MG H . -0.73 12.02 -21.10
C10 GCE I . -10.00 11.69 -14.44
C13 GCE I . -10.80 10.28 -16.62
C14 GCE I . -10.34 9.61 -15.49
C18 GCE I . -6.35 13.83 -12.37
C26 GCE I . -7.89 16.95 -9.68
C19 GCE I . -5.87 12.53 -13.06
C20 GCE I . -4.43 12.53 -13.58
C22 GCE I . -8.24 14.83 -10.83
C23 GCE I . -9.46 14.67 -10.17
C24 GCE I . -9.89 15.64 -9.27
C29 GCE I . -6.73 9.08 -7.95
C01 GCE I . -8.57 9.58 -9.96
C03 GCE I . -7.57 11.96 -9.84
C06 GCE I . -7.83 13.75 -11.86
C08 GCE I . -9.55 12.39 -13.17
C11 GCE I . -10.44 12.38 -15.55
C12 GCE I . -10.85 11.66 -16.66
C15 GCE I . -9.92 10.31 -14.39
C25 GCE I . -9.11 16.78 -9.02
C27 GCE I . -7.45 15.97 -10.59
F16 GCE I . -10.28 8.26 -15.46
F17 GCE I . -10.47 13.74 -15.52
N02 GCE I . -7.83 10.63 -9.27
N05 GCE I . -8.03 12.35 -11.16
N09 GCE I . -8.83 11.50 -12.17
N21 GCE I . -4.34 12.35 -15.04
O04 GCE I . -6.96 12.73 -9.20
O28 GCE I . -7.33 10.35 -7.98
S07 GCE I . -8.91 13.84 -13.08
PB ADP J . 16.72 -18.47 7.92
O1B ADP J . 17.10 -17.08 7.45
O2B ADP J . 17.82 -19.43 8.29
O3B ADP J . 15.67 -18.46 9.01
PA ADP J . 15.98 -20.61 6.25
O1A ADP J . 16.98 -20.94 5.14
O2A ADP J . 16.00 -21.36 7.58
O3A ADP J . 16.07 -19.04 6.58
O5' ADP J . 14.48 -20.84 5.62
C5' ADP J . 13.86 -22.13 5.82
C4' ADP J . 13.04 -22.67 4.65
O4' ADP J . 13.05 -21.72 3.58
C3' ADP J . 13.60 -23.98 4.06
O3' ADP J . 12.77 -25.11 4.40
C2' ADP J . 13.73 -23.77 2.54
O2' ADP J . 13.01 -24.74 1.75
C1' ADP J . 13.11 -22.40 2.33
N9 ADP J . 13.90 -21.53 1.43
C8 ADP J . 14.54 -20.44 1.85
N7 ADP J . 15.15 -19.80 0.81
C5 ADP J . 14.86 -20.49 -0.31
C6 ADP J . 15.20 -20.34 -1.75
N6 ADP J . 15.98 -19.30 -2.18
N1 ADP J . 14.71 -21.29 -2.58
C2 ADP J . 13.92 -22.32 -2.13
N3 ADP J . 13.58 -22.53 -0.84
C4 ADP J . 14.01 -21.65 0.10
MG MG K . 19.18 -21.24 11.53
C10 GCE L . 26.24 -28.27 7.83
C13 GCE L . 27.30 -26.94 10.00
C14 GCE L . 26.57 -28.09 10.18
C18 GCE L . 22.78 -29.16 4.71
C26 GCE L . 23.77 -30.58 0.90
C19 GCE L . 22.06 -29.28 6.08
C20 GCE L . 20.70 -28.57 6.18
C22 GCE L . 24.46 -30.38 3.23
C23 GCE L . 25.64 -31.06 2.89
C24 GCE L . 25.88 -31.49 1.58
C29 GCE L . 22.65 -35.12 8.00
C01 GCE L . 24.06 -32.96 8.18
C03 GCE L . 23.51 -32.26 5.75
C06 GCE L . 24.19 -29.84 4.68
C08 GCE L . 25.60 -29.10 6.69
C11 GCE L . 26.97 -27.11 7.63
C12 GCE L . 27.50 -26.44 8.72
C15 GCE L . 26.03 -28.75 9.10
C25 GCE L . 24.94 -31.24 0.57
C27 GCE L . 23.54 -30.15 2.22
F16 GCE L . 26.38 -28.60 11.43
F17 GCE L . 27.16 -26.60 6.38
N02 GCE L . 23.47 -33.22 6.89
N05 GCE L . 24.14 -30.96 5.83
N09 GCE L . 24.83 -30.36 7.08
N21 GCE L . 20.85 -27.21 6.70
O04 GCE L . 23.03 -32.49 4.70
O28 GCE L . 22.86 -34.48 6.76
S07 GCE L . 25.35 -28.78 5.13
#